data_8F8F
#
_entry.id   8F8F
#
_cell.length_a   81.797
_cell.length_b   190.713
_cell.length_c   66.480
_cell.angle_alpha   90.00
_cell.angle_beta   90.00
_cell.angle_gamma   90.00
#
_symmetry.space_group_name_H-M   'P 21 21 2'
#
loop_
_entity.id
_entity.type
_entity.pdbx_description
1 polymer '(2E,6E)-farnesyl diphosphate synthase'
2 non-polymer GLYCEROL
3 non-polymer 'MAGNESIUM ION'
4 water water
#
_entity_poly.entity_id   1
_entity_poly.type   'polypeptide(L)'
_entity_poly.pdbx_seq_one_letter_code
;MSYYHHHHHHLESTSLYKKAGSAAALFRFKKEPFTMAGAITDQLRRYLHGRRRAAAHMGSDYDGLIADLEDFVLGGGKRL
RPLFAYWGWHAVASREPDPDVLLLFSALELLHAWALVHDDLIDRSATRRGRPTAQLRYAALHRDRDWRGSPDQFGMSAAI
LLGDLAQVWADDIVSKVCQSALAPDAQRRVHRVWADIRNEVLGGQYLDIVAEASAAESIESAMNVATLKTA(CME)YTVS
RPLQLGTAAAADRSDVAAIFEHFGADLGVAFQLRDDVLGVFGDPAVTGKPSGDDLKSGKRTVLVAEAVELADRSDPLAAK
LLRTSIGTRLTDAQVRELRTVIEAVGARAAAESRIAALTQRALATLASAPINATAKAGLSELAMMAANRSA
;
_entity_poly.pdbx_strand_id   A,B
#
# COMPACT_ATOMS: atom_id res chain seq x y z
N THR A 35 -6.53 4.37 -30.93
CA THR A 35 -7.66 4.50 -30.03
C THR A 35 -7.26 5.25 -28.75
N MET A 36 -8.26 5.58 -27.93
CA MET A 36 -7.97 6.33 -26.71
C MET A 36 -7.31 5.48 -25.64
N ALA A 37 -7.62 4.19 -25.59
CA ALA A 37 -6.99 3.32 -24.61
C ALA A 37 -5.48 3.20 -24.87
N GLY A 38 -5.09 3.20 -26.15
CA GLY A 38 -3.68 3.10 -26.47
C GLY A 38 -2.91 4.37 -26.13
N ALA A 39 -3.51 5.53 -26.41
CA ALA A 39 -2.87 6.79 -26.07
C ALA A 39 -2.72 6.94 -24.56
N ILE A 40 -3.73 6.51 -23.80
CA ILE A 40 -3.63 6.52 -22.35
C ILE A 40 -2.56 5.55 -21.88
N THR A 41 -2.53 4.34 -22.46
CA THR A 41 -1.54 3.34 -22.06
C THR A 41 -0.12 3.80 -22.38
N ASP A 42 0.05 4.47 -23.52
CA ASP A 42 1.39 4.91 -23.91
C ASP A 42 1.93 5.97 -22.94
N GLN A 43 1.06 6.84 -22.44
CA GLN A 43 1.47 7.79 -21.41
C GLN A 43 1.95 7.06 -20.16
N LEU A 44 1.26 5.98 -19.79
CA LEU A 44 1.67 5.20 -18.61
C LEU A 44 2.97 4.46 -18.87
N ARG A 45 3.13 3.90 -20.08
CA ARG A 45 4.37 3.21 -20.41
C ARG A 45 5.57 4.15 -20.32
N ARG A 46 5.41 5.38 -20.80
CA ARG A 46 6.51 6.34 -20.76
C ARG A 46 6.79 6.80 -19.34
N TYR A 47 5.75 6.95 -18.52
CA TYR A 47 5.96 7.30 -17.12
C TYR A 47 6.69 6.18 -16.38
N LEU A 48 6.22 4.94 -16.53
CA LEU A 48 6.84 3.81 -15.84
C LEU A 48 8.28 3.63 -16.30
N HIS A 49 8.54 3.82 -17.60
CA HIS A 49 9.91 3.73 -18.10
C HIS A 49 10.81 4.75 -17.44
N GLY A 50 10.30 5.97 -17.22
CA GLY A 50 11.10 7.00 -16.59
C GLY A 50 11.36 6.72 -15.12
N ARG A 51 10.34 6.27 -14.40
CA ARG A 51 10.53 5.92 -12.99
C ARG A 51 11.50 4.76 -12.84
N ARG A 52 11.42 3.78 -13.75
CA ARG A 52 12.32 2.63 -13.69
C ARG A 52 13.76 3.05 -13.90
N ARG A 53 14.01 3.87 -14.93
CA ARG A 53 15.37 4.32 -15.20
C ARG A 53 15.92 5.14 -14.04
N ALA A 54 15.09 6.00 -13.45
CA ALA A 54 15.55 6.83 -12.34
C ALA A 54 15.84 6.03 -11.07
N ALA A 55 15.31 4.81 -10.98
CA ALA A 55 15.54 3.95 -9.83
C ALA A 55 16.57 2.86 -10.09
N ALA A 56 17.31 2.96 -11.20
CA ALA A 56 18.26 1.91 -11.59
C ALA A 56 19.42 1.79 -10.61
N HIS A 57 19.73 2.85 -9.85
CA HIS A 57 20.83 2.79 -8.90
C HIS A 57 20.58 1.84 -7.74
N MET A 58 19.35 1.35 -7.58
CA MET A 58 18.99 0.47 -6.48
C MET A 58 19.24 -1.01 -6.78
N GLY A 59 19.74 -1.33 -7.95
CA GLY A 59 20.17 -2.68 -8.27
C GLY A 59 19.23 -3.38 -9.24
N SER A 60 19.70 -4.55 -9.68
CA SER A 60 18.98 -5.33 -10.68
C SER A 60 17.80 -6.11 -10.11
N ASP A 61 17.80 -6.40 -8.81
CA ASP A 61 16.68 -7.11 -8.21
C ASP A 61 15.46 -6.20 -8.12
N TYR A 62 15.64 -4.98 -7.61
CA TYR A 62 14.54 -4.02 -7.58
C TYR A 62 14.11 -3.62 -8.98
N ASP A 63 15.06 -3.55 -9.92
CA ASP A 63 14.72 -3.27 -11.31
C ASP A 63 13.86 -4.39 -11.89
N GLY A 64 14.12 -5.64 -11.49
CA GLY A 64 13.28 -6.74 -11.93
C GLY A 64 11.87 -6.67 -11.36
N LEU A 65 11.73 -6.16 -10.14
CA LEU A 65 10.39 -5.97 -9.58
C LEU A 65 9.63 -4.89 -10.34
N ILE A 66 10.31 -3.79 -10.68
CA ILE A 66 9.68 -2.74 -11.48
C ILE A 66 9.30 -3.28 -12.86
N ALA A 67 10.19 -4.07 -13.46
CA ALA A 67 9.88 -4.68 -14.75
C ALA A 67 8.66 -5.59 -14.65
N ASP A 68 8.51 -6.28 -13.51
N ASP A 68 8.52 -6.30 -13.52
CA ASP A 68 7.33 -7.10 -13.30
CA ASP A 68 7.32 -7.10 -13.30
C ASP A 68 6.07 -6.24 -13.20
C ASP A 68 6.08 -6.23 -13.24
N LEU A 69 6.19 -5.06 -12.61
CA LEU A 69 5.05 -4.15 -12.54
C LEU A 69 4.69 -3.62 -13.93
N GLU A 70 5.70 -3.34 -14.75
CA GLU A 70 5.44 -2.90 -16.12
C GLU A 70 4.70 -3.98 -16.91
N ASP A 71 5.14 -5.23 -16.79
N ASP A 71 5.16 -5.23 -16.79
CA ASP A 71 4.52 -6.31 -17.55
CA ASP A 71 4.54 -6.34 -17.51
C ASP A 71 3.08 -6.57 -17.10
C ASP A 71 3.08 -6.50 -17.10
N PHE A 72 2.80 -6.40 -15.80
CA PHE A 72 1.44 -6.62 -15.32
C PHE A 72 0.53 -5.47 -15.72
N VAL A 73 0.99 -4.23 -15.53
CA VAL A 73 0.15 -3.07 -15.81
C VAL A 73 -0.10 -2.93 -17.30
N LEU A 74 0.97 -3.03 -18.09
CA LEU A 74 0.88 -2.85 -19.53
C LEU A 74 0.47 -4.12 -20.27
N GLY A 75 0.21 -5.21 -19.55
CA GLY A 75 -0.04 -6.51 -20.15
C GLY A 75 -1.17 -6.55 -21.16
N GLY A 76 -2.12 -5.64 -21.04
CA GLY A 76 -3.23 -5.56 -21.96
C GLY A 76 -4.58 -5.57 -21.27
N GLY A 77 -5.54 -4.91 -21.89
CA GLY A 77 -6.87 -4.83 -21.33
C GLY A 77 -7.66 -3.73 -21.99
N LYS A 78 -8.91 -3.57 -21.52
CA LYS A 78 -9.79 -2.55 -22.09
C LYS A 78 -9.54 -1.17 -21.52
N ARG A 79 -8.79 -1.06 -20.42
CA ARG A 79 -8.56 0.21 -19.72
C ARG A 79 -9.90 0.88 -19.38
N LEU A 80 -10.78 0.09 -18.74
CA LEU A 80 -12.14 0.55 -18.49
C LEU A 80 -12.19 1.79 -17.63
N ARG A 81 -11.40 1.82 -16.55
CA ARG A 81 -11.46 2.90 -15.58
C ARG A 81 -10.84 4.19 -16.11
N PRO A 82 -9.68 4.15 -16.79
CA PRO A 82 -9.21 5.38 -17.45
C PRO A 82 -10.14 5.89 -18.54
N LEU A 83 -10.88 4.99 -19.20
CA LEU A 83 -11.81 5.42 -20.23
C LEU A 83 -13.02 6.12 -19.63
N PHE A 84 -13.50 5.64 -18.48
CA PHE A 84 -14.55 6.36 -17.77
C PHE A 84 -14.09 7.75 -17.38
N ALA A 85 -12.81 7.90 -17.01
CA ALA A 85 -12.28 9.21 -16.70
C ALA A 85 -12.25 10.11 -17.93
N TYR A 86 -11.92 9.54 -19.10
CA TYR A 86 -11.92 10.33 -20.32
C TYR A 86 -13.31 10.87 -20.65
N TRP A 87 -14.31 9.98 -20.64
CA TRP A 87 -15.66 10.41 -20.99
C TRP A 87 -16.23 11.36 -19.95
N GLY A 88 -15.78 11.26 -18.70
CA GLY A 88 -16.13 12.27 -17.72
C GLY A 88 -15.53 13.63 -18.06
N TRP A 89 -14.33 13.64 -18.64
CA TRP A 89 -13.75 14.89 -19.12
C TRP A 89 -14.49 15.39 -20.36
N HIS A 90 -14.68 14.51 -21.34
CA HIS A 90 -15.40 14.84 -22.57
C HIS A 90 -16.79 15.40 -22.30
N ALA A 91 -17.42 14.96 -21.21
CA ALA A 91 -18.81 15.32 -20.94
C ALA A 91 -18.97 16.81 -20.68
N VAL A 92 -17.98 17.44 -20.05
CA VAL A 92 -18.08 18.84 -19.63
C VAL A 92 -17.00 19.71 -20.24
N ALA A 93 -16.05 19.15 -20.99
CA ALA A 93 -15.03 19.94 -21.65
C ALA A 93 -15.40 20.18 -23.10
N SER A 94 -14.70 21.15 -23.71
CA SER A 94 -14.87 21.43 -25.13
C SER A 94 -13.80 20.70 -25.95
N ARG A 95 -12.55 20.86 -25.55
CA ARG A 95 -11.40 20.35 -26.31
C ARG A 95 -10.93 19.02 -25.73
N GLU A 96 -9.91 18.44 -26.38
CA GLU A 96 -9.32 17.20 -25.90
C GLU A 96 -8.30 17.49 -24.79
N PRO A 97 -8.08 16.53 -23.89
CA PRO A 97 -7.11 16.75 -22.81
C PRO A 97 -5.69 16.69 -23.31
N ASP A 98 -4.80 17.34 -22.56
CA ASP A 98 -3.38 17.30 -22.84
C ASP A 98 -2.83 15.90 -22.56
N PRO A 99 -1.71 15.54 -23.18
CA PRO A 99 -1.05 14.26 -22.86
C PRO A 99 -0.88 14.01 -21.38
N ASP A 100 -0.50 15.05 -20.62
CA ASP A 100 -0.32 14.87 -19.18
C ASP A 100 -1.63 14.54 -18.48
N VAL A 101 -2.75 15.03 -19.00
CA VAL A 101 -4.04 14.70 -18.40
C VAL A 101 -4.44 13.27 -18.76
N LEU A 102 -4.04 12.78 -19.94
CA LEU A 102 -4.21 11.37 -20.25
C LEU A 102 -3.41 10.51 -19.28
N LEU A 103 -2.22 10.98 -18.87
CA LEU A 103 -1.45 10.27 -17.85
C LEU A 103 -2.19 10.25 -16.53
N LEU A 104 -2.89 11.35 -16.19
CA LEU A 104 -3.71 11.36 -14.99
C LEU A 104 -4.78 10.28 -15.05
N PHE A 105 -5.41 10.11 -16.21
CA PHE A 105 -6.41 9.06 -16.36
C PHE A 105 -5.77 7.68 -16.23
N SER A 106 -4.53 7.53 -16.71
CA SER A 106 -3.83 6.25 -16.63
C SER A 106 -3.45 5.87 -15.20
N ALA A 107 -3.45 6.84 -14.28
CA ALA A 107 -3.16 6.52 -12.88
C ALA A 107 -4.19 5.56 -12.31
N LEU A 108 -5.40 5.55 -12.86
CA LEU A 108 -6.42 4.61 -12.43
C LEU A 108 -6.05 3.18 -12.81
N GLU A 109 -5.30 3.01 -13.91
CA GLU A 109 -4.84 1.68 -14.29
C GLU A 109 -3.72 1.20 -13.37
N LEU A 110 -2.79 2.10 -13.03
CA LEU A 110 -1.73 1.74 -12.09
C LEU A 110 -2.30 1.48 -10.71
N LEU A 111 -3.29 2.27 -10.29
CA LEU A 111 -3.98 2.02 -9.02
C LEU A 111 -4.67 0.67 -9.02
N HIS A 112 -5.25 0.28 -10.16
CA HIS A 112 -5.93 -1.01 -10.24
C HIS A 112 -4.96 -2.16 -10.08
N ALA A 113 -3.71 -1.99 -10.53
CA ALA A 113 -2.69 -3.01 -10.31
C ALA A 113 -2.43 -3.21 -8.82
N TRP A 114 -2.38 -2.12 -8.06
CA TRP A 114 -2.28 -2.23 -6.61
C TRP A 114 -3.45 -3.01 -6.04
N ALA A 115 -4.67 -2.68 -6.48
CA ALA A 115 -5.85 -3.37 -5.97
C ALA A 115 -5.83 -4.86 -6.29
N LEU A 116 -5.46 -5.21 -7.52
CA LEU A 116 -5.51 -6.61 -7.93
C LEU A 116 -4.41 -7.44 -7.26
N VAL A 117 -3.21 -6.87 -7.14
CA VAL A 117 -2.10 -7.61 -6.54
C VAL A 117 -2.41 -7.93 -5.08
N HIS A 118 -2.87 -6.93 -4.32
CA HIS A 118 -3.25 -7.21 -2.94
C HIS A 118 -4.51 -8.06 -2.85
N ASP A 119 -5.40 -7.94 -3.85
CA ASP A 119 -6.57 -8.82 -3.92
C ASP A 119 -6.16 -10.27 -4.05
N ASP A 120 -5.16 -10.54 -4.90
CA ASP A 120 -4.71 -11.92 -5.09
C ASP A 120 -4.12 -12.50 -3.82
N LEU A 121 -3.51 -11.66 -2.98
CA LEU A 121 -3.01 -12.13 -1.69
C LEU A 121 -4.16 -12.42 -0.73
N ILE A 122 -5.15 -11.53 -0.69
CA ILE A 122 -6.28 -11.70 0.21
C ILE A 122 -7.09 -12.93 -0.16
N ASP A 123 -7.30 -13.17 -1.45
CA ASP A 123 -8.02 -14.33 -1.94
C ASP A 123 -7.18 -15.61 -1.95
N ARG A 124 -5.87 -15.50 -1.74
CA ARG A 124 -4.95 -16.62 -1.92
C ARG A 124 -5.13 -17.25 -3.30
N SER A 125 -5.33 -16.41 -4.31
CA SER A 125 -5.50 -16.91 -5.67
C SER A 125 -4.18 -17.42 -6.22
N ALA A 126 -4.25 -18.50 -6.99
CA ALA A 126 -3.05 -19.07 -7.59
C ALA A 126 -2.74 -18.46 -8.95
N THR A 127 -3.77 -18.20 -9.75
CA THR A 127 -3.58 -17.64 -11.08
C THR A 127 -4.49 -16.44 -11.29
N ARG A 128 -4.13 -15.63 -12.28
CA ARG A 128 -4.93 -14.50 -12.73
C ARG A 128 -4.79 -14.41 -14.24
N ARG A 129 -5.91 -14.47 -14.95
CA ARG A 129 -5.92 -14.50 -16.42
C ARG A 129 -5.11 -15.67 -16.97
N GLY A 130 -5.05 -16.77 -16.21
CA GLY A 130 -4.32 -17.95 -16.62
C GLY A 130 -2.87 -17.99 -16.21
N ARG A 131 -2.33 -16.88 -15.70
CA ARG A 131 -0.93 -16.79 -15.33
C ARG A 131 -0.78 -16.75 -13.82
N PRO A 132 0.34 -17.23 -13.27
CA PRO A 132 0.49 -17.27 -11.81
C PRO A 132 0.43 -15.88 -11.20
N THR A 133 -0.14 -15.79 -10.01
CA THR A 133 -0.18 -14.54 -9.28
C THR A 133 1.22 -14.17 -8.79
N ALA A 134 1.31 -12.96 -8.21
CA ALA A 134 2.62 -12.44 -7.82
C ALA A 134 3.28 -13.31 -6.75
N GLN A 135 2.52 -13.71 -5.73
CA GLN A 135 3.11 -14.50 -4.66
C GLN A 135 3.66 -15.84 -5.17
N LEU A 136 3.01 -16.42 -6.19
CA LEU A 136 3.49 -17.67 -6.75
C LEU A 136 4.72 -17.45 -7.64
N ARG A 137 4.74 -16.35 -8.40
CA ARG A 137 5.86 -16.08 -9.28
C ARG A 137 7.14 -15.83 -8.49
N TYR A 138 7.04 -15.12 -7.37
CA TYR A 138 8.24 -14.83 -6.58
C TYR A 138 8.65 -16.00 -5.70
N ALA A 139 7.69 -16.82 -5.25
CA ALA A 139 8.05 -18.04 -4.54
C ALA A 139 8.77 -19.02 -5.46
N ALA A 140 8.32 -19.12 -6.71
CA ALA A 140 9.00 -19.99 -7.67
C ALA A 140 10.40 -19.48 -7.97
N LEU A 141 10.55 -18.16 -8.08
CA LEU A 141 11.88 -17.57 -8.24
C LEU A 141 12.76 -17.92 -7.05
N HIS A 142 12.20 -17.88 -5.84
CA HIS A 142 12.95 -18.22 -4.64
C HIS A 142 13.45 -19.66 -4.69
N ARG A 143 12.62 -20.58 -5.21
CA ARG A 143 13.00 -21.99 -5.27
C ARG A 143 13.93 -22.28 -6.44
N ASP A 144 13.79 -21.55 -7.55
CA ASP A 144 14.69 -21.73 -8.68
C ASP A 144 16.11 -21.33 -8.32
N ARG A 145 16.26 -20.28 -7.51
CA ARG A 145 17.56 -19.78 -7.11
C ARG A 145 18.17 -20.55 -5.93
N ASP A 146 17.45 -21.55 -5.41
CA ASP A 146 17.87 -22.30 -4.23
C ASP A 146 18.13 -21.34 -3.07
N TRP A 147 17.24 -20.36 -2.92
CA TRP A 147 17.35 -19.39 -1.84
C TRP A 147 16.88 -20.02 -0.53
N ARG A 148 17.30 -19.42 0.58
CA ARG A 148 17.01 -19.94 1.90
C ARG A 148 15.80 -19.25 2.51
N GLY A 149 15.30 -19.83 3.60
CA GLY A 149 14.06 -19.38 4.19
C GLY A 149 12.86 -19.97 3.47
N SER A 150 11.69 -19.54 3.90
CA SER A 150 10.44 -20.02 3.30
C SER A 150 10.23 -19.39 1.93
N PRO A 151 10.10 -20.17 0.86
CA PRO A 151 9.78 -19.56 -0.45
C PRO A 151 8.44 -18.86 -0.47
N ASP A 152 7.44 -19.43 0.23
CA ASP A 152 6.12 -18.84 0.24
C ASP A 152 6.09 -17.53 1.02
N GLN A 153 6.89 -17.43 2.08
N GLN A 153 6.88 -17.43 2.09
CA GLN A 153 6.98 -16.17 2.83
CA GLN A 153 6.98 -16.17 2.82
C GLN A 153 7.61 -15.07 1.97
C GLN A 153 7.60 -15.08 1.96
N PHE A 154 8.61 -15.43 1.17
CA PHE A 154 9.21 -14.46 0.25
C PHE A 154 8.22 -14.05 -0.83
N GLY A 155 7.48 -15.02 -1.37
CA GLY A 155 6.51 -14.70 -2.41
C GLY A 155 5.43 -13.75 -1.96
N MET A 156 4.92 -13.95 -0.73
CA MET A 156 3.90 -13.06 -0.21
C MET A 156 4.48 -11.68 0.09
N SER A 157 5.69 -11.66 0.68
CA SER A 157 6.34 -10.40 1.00
C SER A 157 6.62 -9.59 -0.26
N ALA A 158 7.15 -10.24 -1.30
CA ALA A 158 7.40 -9.54 -2.56
C ALA A 158 6.11 -9.08 -3.20
N ALA A 159 5.02 -9.85 -3.05
CA ALA A 159 3.74 -9.45 -3.61
C ALA A 159 3.17 -8.24 -2.87
N ILE A 160 3.34 -8.18 -1.56
CA ILE A 160 2.91 -7.00 -0.81
C ILE A 160 3.64 -5.77 -1.32
N LEU A 161 4.95 -5.87 -1.48
CA LEU A 161 5.75 -4.73 -1.93
C LEU A 161 5.43 -4.36 -3.37
N LEU A 162 5.14 -5.34 -4.22
CA LEU A 162 4.75 -5.06 -5.60
C LEU A 162 3.46 -4.23 -5.63
N GLY A 163 2.48 -4.62 -4.83
CA GLY A 163 1.25 -3.85 -4.76
C GLY A 163 1.46 -2.48 -4.16
N ASP A 164 2.31 -2.38 -3.14
CA ASP A 164 2.62 -1.10 -2.52
C ASP A 164 3.27 -0.15 -3.52
N LEU A 165 4.15 -0.68 -4.38
CA LEU A 165 4.83 0.16 -5.36
C LEU A 165 3.84 0.74 -6.35
N ALA A 166 2.89 -0.08 -6.82
CA ALA A 166 1.88 0.41 -7.75
C ALA A 166 1.07 1.55 -7.12
N GLN A 167 0.73 1.43 -5.84
N GLN A 167 0.77 1.45 -5.82
CA GLN A 167 -0.03 2.49 -5.20
CA GLN A 167 -0.03 2.46 -5.15
C GLN A 167 0.75 3.79 -5.17
C GLN A 167 0.72 3.79 -5.05
N VAL A 168 1.98 3.75 -4.62
CA VAL A 168 2.74 4.99 -4.44
C VAL A 168 3.06 5.63 -5.78
N TRP A 169 3.26 4.81 -6.83
CA TRP A 169 3.55 5.39 -8.14
C TRP A 169 2.28 5.89 -8.82
N ALA A 170 1.16 5.19 -8.65
CA ALA A 170 -0.10 5.69 -9.17
C ALA A 170 -0.44 7.03 -8.53
N ASP A 171 -0.14 7.17 -7.24
CA ASP A 171 -0.39 8.45 -6.59
CA ASP A 171 -0.36 8.44 -6.54
C ASP A 171 0.59 9.51 -7.05
N ASP A 172 1.86 9.14 -7.26
CA ASP A 172 2.85 10.10 -7.73
C ASP A 172 2.46 10.69 -9.08
N ILE A 173 1.72 9.93 -9.89
CA ILE A 173 1.20 10.47 -11.15
C ILE A 173 0.25 11.63 -10.88
N VAL A 174 -0.69 11.43 -9.94
CA VAL A 174 -1.68 12.46 -9.65
C VAL A 174 -1.01 13.70 -9.09
N SER A 175 -0.02 13.53 -8.21
CA SER A 175 0.72 14.66 -7.68
C SER A 175 1.48 15.39 -8.78
N LYS A 176 2.10 14.63 -9.70
CA LYS A 176 2.92 15.24 -10.74
C LYS A 176 2.06 15.97 -11.76
N VAL A 177 0.93 15.37 -12.16
CA VAL A 177 0.08 15.99 -13.17
C VAL A 177 -0.64 17.22 -12.60
N CYS A 178 -1.06 17.14 -11.33
CA CYS A 178 -1.71 18.30 -10.72
C CYS A 178 -0.78 19.51 -10.69
N GLN A 179 0.49 19.29 -10.35
CA GLN A 179 1.43 20.41 -10.25
C GLN A 179 1.76 20.99 -11.62
N SER A 180 1.83 20.14 -12.64
CA SER A 180 2.41 20.53 -13.92
C SER A 180 1.37 20.90 -14.97
N ALA A 181 0.14 20.39 -14.89
CA ALA A 181 -0.81 20.55 -15.98
C ALA A 181 -2.19 21.05 -15.58
N LEU A 182 -2.44 21.30 -14.30
CA LEU A 182 -3.78 21.67 -13.85
C LEU A 182 -3.74 23.00 -13.10
N ALA A 183 -4.76 23.82 -13.35
CA ALA A 183 -4.97 25.00 -12.55
C ALA A 183 -5.31 24.60 -11.12
N PRO A 184 -5.02 25.46 -10.13
CA PRO A 184 -5.19 25.04 -8.73
C PRO A 184 -6.62 24.63 -8.36
N ASP A 185 -7.64 25.19 -9.02
CA ASP A 185 -9.00 24.76 -8.72
C ASP A 185 -9.27 23.35 -9.21
N ALA A 186 -8.78 23.01 -10.41
CA ALA A 186 -8.88 21.63 -10.88
C ALA A 186 -8.02 20.69 -10.03
N GLN A 187 -6.91 21.20 -9.49
CA GLN A 187 -6.07 20.39 -8.60
C GLN A 187 -6.86 19.95 -7.37
N ARG A 188 -7.61 20.87 -6.77
CA ARG A 188 -8.34 20.54 -5.54
C ARG A 188 -9.50 19.58 -5.84
N ARG A 189 -10.16 19.76 -6.98
CA ARG A 189 -11.25 18.84 -7.33
C ARG A 189 -10.72 17.44 -7.62
N VAL A 190 -9.53 17.35 -8.22
CA VAL A 190 -8.97 16.04 -8.56
C VAL A 190 -8.54 15.30 -7.30
N HIS A 191 -7.91 16.02 -6.36
CA HIS A 191 -7.44 15.38 -5.12
C HIS A 191 -8.61 14.81 -4.33
N ARG A 192 -9.72 15.55 -4.24
CA ARG A 192 -10.85 15.08 -3.45
C ARG A 192 -11.46 13.82 -4.05
N VAL A 193 -11.45 13.69 -5.37
CA VAL A 193 -11.89 12.45 -5.99
C VAL A 193 -10.86 11.34 -5.76
N TRP A 194 -9.58 11.69 -5.79
CA TRP A 194 -8.53 10.69 -5.60
C TRP A 194 -8.54 10.15 -4.18
N ALA A 195 -8.83 11.00 -3.20
CA ALA A 195 -8.92 10.54 -1.82
C ALA A 195 -10.15 9.65 -1.62
N ASP A 196 -11.25 9.98 -2.28
CA ASP A 196 -12.48 9.20 -2.12
C ASP A 196 -12.35 7.82 -2.74
N ILE A 197 -11.78 7.72 -3.94
CA ILE A 197 -11.75 6.44 -4.64
C ILE A 197 -10.84 5.44 -3.92
N ARG A 198 -9.77 5.92 -3.30
CA ARG A 198 -8.87 5.01 -2.57
C ARG A 198 -9.43 4.69 -1.19
N ASN A 199 -10.16 5.62 -0.59
CA ASN A 199 -10.85 5.33 0.67
C ASN A 199 -11.97 4.33 0.46
N GLU A 200 -12.68 4.42 -0.66
CA GLU A 200 -13.85 3.58 -0.90
C GLU A 200 -13.48 2.18 -1.36
N VAL A 201 -12.40 2.02 -2.13
CA VAL A 201 -12.00 0.67 -2.52
C VAL A 201 -11.38 -0.07 -1.35
N LEU A 202 -10.73 0.64 -0.42
CA LEU A 202 -10.21 0.01 0.78
C LEU A 202 -11.35 -0.37 1.73
N GLY A 203 -12.34 0.52 1.89
CA GLY A 203 -13.50 0.16 2.68
C GLY A 203 -14.27 -0.99 2.07
N GLY A 204 -14.41 -1.00 0.74
CA GLY A 204 -15.09 -2.09 0.09
C GLY A 204 -14.39 -3.42 0.27
N GLN A 205 -13.05 -3.41 0.24
N GLN A 205 -13.05 -3.41 0.22
CA GLN A 205 -12.30 -4.66 0.43
CA GLN A 205 -12.29 -4.63 0.43
C GLN A 205 -12.45 -5.18 1.84
C GLN A 205 -12.47 -5.17 1.84
N TYR A 206 -12.39 -4.29 2.84
CA TYR A 206 -12.53 -4.74 4.23
C TYR A 206 -13.96 -5.19 4.51
N LEU A 207 -14.95 -4.45 4.02
CA LEU A 207 -16.33 -4.86 4.21
C LEU A 207 -16.61 -6.22 3.59
N ASP A 208 -15.92 -6.54 2.49
CA ASP A 208 -16.16 -7.81 1.81
C ASP A 208 -15.62 -8.99 2.63
N ILE A 209 -14.39 -8.88 3.13
CA ILE A 209 -13.84 -9.98 3.92
C ILE A 209 -14.57 -10.10 5.25
N VAL A 210 -15.09 -8.98 5.78
CA VAL A 210 -15.89 -9.06 7.00
C VAL A 210 -17.23 -9.75 6.70
N ALA A 211 -17.84 -9.43 5.56
CA ALA A 211 -19.10 -10.06 5.19
C ALA A 211 -18.94 -11.56 5.01
N GLU A 212 -17.85 -11.99 4.38
CA GLU A 212 -17.61 -13.42 4.20
C GLU A 212 -17.28 -14.10 5.52
N ALA A 213 -16.50 -13.42 6.38
CA ALA A 213 -16.14 -14.01 7.67
C ALA A 213 -17.34 -14.09 8.60
N SER A 214 -18.19 -13.07 8.60
CA SER A 214 -19.38 -13.05 9.45
C SER A 214 -20.57 -13.73 8.81
N ALA A 215 -20.44 -14.23 7.58
CA ALA A 215 -21.53 -14.89 6.86
C ALA A 215 -22.74 -13.97 6.76
N ALA A 216 -22.49 -12.71 6.36
CA ALA A 216 -23.56 -11.73 6.18
C ALA A 216 -24.50 -12.19 5.08
N GLU A 217 -25.76 -12.43 5.44
CA GLU A 217 -26.74 -13.02 4.54
C GLU A 217 -27.48 -12.00 3.69
N SER A 218 -27.64 -10.77 4.20
CA SER A 218 -28.61 -9.84 3.64
C SER A 218 -28.22 -9.37 2.24
N ILE A 219 -29.24 -9.00 1.46
CA ILE A 219 -29.00 -8.35 0.18
C ILE A 219 -28.34 -6.99 0.39
N GLU A 220 -28.73 -6.29 1.46
CA GLU A 220 -28.22 -4.95 1.72
C GLU A 220 -26.71 -4.98 1.98
N SER A 221 -26.21 -6.01 2.67
CA SER A 221 -24.78 -6.11 2.91
C SER A 221 -24.01 -6.32 1.61
N ALA A 222 -24.51 -7.18 0.73
CA ALA A 222 -23.86 -7.41 -0.56
C ALA A 222 -24.01 -6.19 -1.47
N MET A 223 -25.12 -5.46 -1.36
CA MET A 223 -25.28 -4.24 -2.15
C MET A 223 -24.33 -3.15 -1.69
N ASN A 224 -24.04 -3.08 -0.39
CA ASN A 224 -23.09 -2.09 0.12
C ASN A 224 -21.70 -2.36 -0.43
N VAL A 225 -21.27 -3.63 -0.40
CA VAL A 225 -19.95 -3.98 -0.94
C VAL A 225 -19.89 -3.69 -2.43
N ALA A 226 -20.92 -4.11 -3.17
CA ALA A 226 -20.94 -3.88 -4.61
C ALA A 226 -20.93 -2.38 -4.94
N THR A 227 -21.58 -1.57 -4.12
CA THR A 227 -21.58 -0.12 -4.36
C THR A 227 -20.18 0.46 -4.19
N LEU A 228 -19.47 0.05 -3.14
CA LEU A 228 -18.13 0.57 -2.90
C LEU A 228 -17.13 -0.02 -3.90
N LYS A 229 -17.17 -1.33 -4.10
CA LYS A 229 -16.15 -2.00 -4.89
C LYS A 229 -16.33 -1.74 -6.39
N THR A 230 -17.57 -1.66 -6.86
CA THR A 230 -17.84 -1.61 -8.29
C THR A 230 -18.48 -0.32 -8.74
N ALA A 231 -19.53 0.13 -8.06
CA ALA A 231 -20.21 1.36 -8.48
C ALA A 231 -19.29 2.57 -8.32
N TYR A 233 -15.87 2.61 -7.25
CA TYR A 233 -14.48 2.45 -7.65
C TYR A 233 -14.28 2.32 -9.17
N THR A 234 -15.22 1.64 -9.85
CA THR A 234 -15.07 1.37 -11.27
C THR A 234 -15.74 2.39 -12.18
N VAL A 235 -16.89 2.95 -11.77
CA VAL A 235 -17.65 3.81 -12.67
C VAL A 235 -17.72 5.25 -12.16
N SER A 236 -18.33 5.44 -10.99
CA SER A 236 -18.66 6.80 -10.53
C SER A 236 -17.42 7.65 -10.33
N ARG A 237 -16.49 7.19 -9.49
CA ARG A 237 -15.32 8.00 -9.17
C ARG A 237 -14.40 8.20 -10.36
N PRO A 238 -14.15 7.19 -11.21
CA PRO A 238 -13.42 7.47 -12.45
C PRO A 238 -14.09 8.53 -13.30
N LEU A 239 -15.41 8.45 -13.49
CA LEU A 239 -16.13 9.50 -14.21
C LEU A 239 -15.88 10.87 -13.59
N GLN A 240 -15.99 10.95 -12.26
CA GLN A 240 -15.82 12.22 -11.56
C GLN A 240 -14.38 12.72 -11.61
N LEU A 241 -13.40 11.83 -11.79
CA LEU A 241 -12.02 12.27 -11.93
C LEU A 241 -11.83 13.08 -13.20
N GLY A 242 -12.42 12.63 -14.30
CA GLY A 242 -12.31 13.38 -15.55
C GLY A 242 -13.11 14.66 -15.51
N THR A 243 -14.29 14.62 -14.91
CA THR A 243 -15.09 15.84 -14.76
C THR A 243 -14.38 16.85 -13.87
N ALA A 244 -13.76 16.38 -12.78
CA ALA A 244 -13.04 17.28 -11.88
C ALA A 244 -11.87 17.95 -12.58
N ALA A 245 -11.15 17.21 -13.43
CA ALA A 245 -10.01 17.77 -14.13
C ALA A 245 -10.43 18.77 -15.20
N ALA A 246 -11.68 18.71 -15.65
CA ALA A 246 -12.14 19.55 -16.75
C ALA A 246 -12.79 20.84 -16.29
N ALA A 247 -13.80 20.76 -15.43
CA ALA A 247 -14.59 21.93 -15.09
C ALA A 247 -15.19 21.77 -13.70
N ASP A 248 -15.69 22.88 -13.17
CA ASP A 248 -16.42 22.91 -11.91
C ASP A 248 -17.89 22.66 -12.21
N ARG A 249 -18.27 21.39 -12.25
CA ARG A 249 -19.63 20.99 -12.61
C ARG A 249 -20.13 19.97 -11.57
N SER A 250 -20.45 20.47 -10.37
CA SER A 250 -20.99 19.61 -9.33
C SER A 250 -22.32 18.99 -9.73
N ASP A 251 -23.05 19.61 -10.65
CA ASP A 251 -24.29 19.02 -11.14
C ASP A 251 -24.02 17.72 -11.89
N VAL A 252 -23.00 17.73 -12.77
CA VAL A 252 -22.68 16.55 -13.56
C VAL A 252 -22.06 15.48 -12.67
N ALA A 253 -21.22 15.88 -11.72
CA ALA A 253 -20.60 14.92 -10.81
C ALA A 253 -21.66 14.17 -10.01
N ALA A 254 -22.74 14.86 -9.63
CA ALA A 254 -23.83 14.18 -8.92
C ALA A 254 -24.61 13.25 -9.85
N ILE A 255 -24.75 13.62 -11.13
CA ILE A 255 -25.44 12.75 -12.07
C ILE A 255 -24.62 11.51 -12.37
N PHE A 256 -23.30 11.68 -12.56
CA PHE A 256 -22.43 10.54 -12.80
C PHE A 256 -22.43 9.58 -11.61
N GLU A 257 -22.58 10.11 -10.40
CA GLU A 257 -22.71 9.24 -9.23
C GLU A 257 -23.99 8.43 -9.29
N HIS A 258 -25.09 9.05 -9.74
CA HIS A 258 -26.34 8.32 -9.93
C HIS A 258 -26.23 7.36 -11.11
N PHE A 259 -25.53 7.78 -12.17
CA PHE A 259 -25.30 6.90 -13.31
C PHE A 259 -24.45 5.69 -12.93
N GLY A 260 -23.39 5.93 -12.15
CA GLY A 260 -22.52 4.84 -11.75
C GLY A 260 -23.14 3.93 -10.72
N ALA A 261 -24.03 4.46 -9.89
CA ALA A 261 -24.68 3.62 -8.88
C ALA A 261 -25.56 2.56 -9.52
N ASP A 262 -26.17 2.87 -10.67
CA ASP A 262 -27.01 1.90 -11.36
C ASP A 262 -26.19 1.00 -12.26
N LEU A 263 -25.31 1.58 -13.08
CA LEU A 263 -24.50 0.78 -14.00
C LEU A 263 -23.49 -0.07 -13.25
N GLY A 264 -22.91 0.47 -12.18
CA GLY A 264 -21.94 -0.29 -11.41
C GLY A 264 -22.54 -1.53 -10.77
N VAL A 265 -23.75 -1.40 -10.23
CA VAL A 265 -24.43 -2.56 -9.66
C VAL A 265 -24.81 -3.55 -10.76
N ALA A 266 -25.20 -3.05 -11.93
CA ALA A 266 -25.48 -3.93 -13.05
C ALA A 266 -24.23 -4.70 -13.48
N PHE A 267 -23.07 -4.05 -13.44
CA PHE A 267 -21.82 -4.74 -13.73
C PHE A 267 -21.57 -5.86 -12.73
N GLN A 268 -21.84 -5.60 -11.45
CA GLN A 268 -21.57 -6.60 -10.41
C GLN A 268 -22.50 -7.80 -10.54
N LEU A 269 -23.79 -7.55 -10.80
CA LEU A 269 -24.75 -8.64 -10.93
C LEU A 269 -24.42 -9.52 -12.14
N ARG A 270 -24.02 -8.89 -13.25
CA ARG A 270 -23.52 -9.66 -14.39
C ARG A 270 -22.34 -10.53 -13.99
N ASP A 271 -21.42 -9.98 -13.21
CA ASP A 271 -20.28 -10.76 -12.74
C ASP A 271 -20.72 -11.89 -11.80
N ASP A 272 -21.72 -11.62 -10.96
CA ASP A 272 -22.20 -12.65 -10.04
C ASP A 272 -22.89 -13.78 -10.79
N VAL A 273 -23.70 -13.45 -11.79
CA VAL A 273 -24.34 -14.48 -12.60
C VAL A 273 -23.29 -15.31 -13.32
N LEU A 274 -22.30 -14.65 -13.91
CA LEU A 274 -21.24 -15.37 -14.61
C LEU A 274 -20.41 -16.22 -13.64
N GLY A 275 -20.20 -15.73 -12.43
CA GLY A 275 -19.44 -16.47 -11.43
C GLY A 275 -20.12 -17.75 -10.96
N VAL A 276 -21.40 -17.92 -11.24
CA VAL A 276 -22.14 -19.11 -10.85
C VAL A 276 -22.56 -19.93 -12.06
N PHE A 277 -22.99 -19.26 -13.13
CA PHE A 277 -23.61 -19.93 -14.28
C PHE A 277 -22.83 -19.75 -15.57
N GLY A 278 -21.71 -19.02 -15.56
CA GLY A 278 -21.02 -18.69 -16.79
C GLY A 278 -20.17 -19.83 -17.32
N ASP A 279 -19.65 -19.63 -18.53
CA ASP A 279 -18.78 -20.61 -19.17
C ASP A 279 -17.38 -20.53 -18.55
N PRO A 280 -16.90 -21.58 -17.90
CA PRO A 280 -15.56 -21.51 -17.29
C PRO A 280 -14.45 -21.21 -18.28
N ALA A 281 -14.57 -21.69 -19.52
CA ALA A 281 -13.56 -21.40 -20.53
C ALA A 281 -13.55 -19.93 -20.89
N VAL A 282 -14.68 -19.25 -20.70
CA VAL A 282 -14.78 -17.82 -21.00
C VAL A 282 -14.43 -16.97 -19.79
N THR A 283 -15.01 -17.28 -18.63
CA THR A 283 -14.76 -16.50 -17.42
C THR A 283 -13.39 -16.77 -16.81
N GLY A 284 -12.79 -17.92 -17.10
CA GLY A 284 -11.53 -18.30 -16.51
C GLY A 284 -11.63 -18.89 -15.12
N LYS A 285 -12.82 -18.94 -14.53
CA LYS A 285 -13.04 -19.52 -13.23
C LYS A 285 -13.95 -20.74 -13.37
N PRO A 286 -13.77 -21.77 -12.53
CA PRO A 286 -14.61 -22.97 -12.63
C PRO A 286 -16.08 -22.64 -12.47
N SER A 287 -16.91 -23.57 -12.93
CA SER A 287 -18.36 -23.42 -12.79
C SER A 287 -18.74 -23.39 -11.32
N GLY A 288 -19.60 -22.45 -10.95
CA GLY A 288 -19.94 -22.26 -9.56
C GLY A 288 -18.78 -21.80 -8.70
N ASP A 289 -17.89 -20.98 -9.27
CA ASP A 289 -16.70 -20.55 -8.53
C ASP A 289 -17.07 -19.71 -7.31
N ASP A 290 -18.05 -18.82 -7.45
CA ASP A 290 -18.50 -18.02 -6.32
C ASP A 290 -18.98 -18.90 -5.18
N LEU A 291 -19.71 -19.98 -5.51
CA LEU A 291 -20.14 -20.91 -4.47
C LEU A 291 -18.95 -21.66 -3.89
N LYS A 292 -18.00 -22.06 -4.74
CA LYS A 292 -16.77 -22.70 -4.27
C LYS A 292 -16.02 -21.80 -3.30
N SER A 293 -15.77 -20.55 -3.70
CA SER A 293 -14.99 -19.63 -2.87
C SER A 293 -15.79 -19.05 -1.71
N GLY A 294 -17.12 -19.13 -1.75
CA GLY A 294 -17.92 -18.62 -0.65
C GLY A 294 -18.18 -17.14 -0.69
N LYS A 295 -18.28 -16.54 -1.88
CA LYS A 295 -18.58 -15.12 -2.00
C LYS A 295 -20.00 -14.83 -1.54
N ARG A 296 -20.18 -13.66 -0.94
CA ARG A 296 -21.49 -13.19 -0.49
C ARG A 296 -22.00 -12.19 -1.51
N THR A 297 -22.50 -12.73 -2.63
CA THR A 297 -23.01 -11.92 -3.72
C THR A 297 -24.47 -11.56 -3.49
N VAL A 298 -24.95 -10.59 -4.26
CA VAL A 298 -26.37 -10.25 -4.24
C VAL A 298 -27.21 -11.43 -4.75
N LEU A 299 -26.72 -12.08 -5.81
CA LEU A 299 -27.38 -13.28 -6.33
C LEU A 299 -27.58 -14.32 -5.23
N VAL A 300 -26.52 -14.61 -4.48
CA VAL A 300 -26.60 -15.58 -3.39
C VAL A 300 -27.57 -15.11 -2.32
N ALA A 301 -27.46 -13.85 -1.91
CA ALA A 301 -28.38 -13.32 -0.90
C ALA A 301 -29.81 -13.34 -1.39
N GLU A 302 -30.02 -13.05 -2.68
CA GLU A 302 -31.37 -13.07 -3.24
C GLU A 302 -31.94 -14.48 -3.30
N ALA A 303 -31.08 -15.47 -3.53
CA ALA A 303 -31.53 -16.86 -3.58
C ALA A 303 -31.99 -17.33 -2.20
N VAL A 304 -31.27 -16.94 -1.14
CA VAL A 304 -31.67 -17.31 0.21
C VAL A 304 -33.00 -16.68 0.57
N GLU A 305 -33.22 -15.43 0.13
CA GLU A 305 -34.48 -14.76 0.42
C GLU A 305 -35.64 -15.38 -0.36
N LEU A 306 -35.42 -15.69 -1.64
CA LEU A 306 -36.46 -16.33 -2.44
C LEU A 306 -36.76 -17.72 -1.93
N ALA A 307 -35.74 -18.46 -1.50
CA ALA A 307 -35.97 -19.81 -0.99
C ALA A 307 -36.73 -19.78 0.33
N ASP A 308 -36.50 -18.75 1.16
CA ASP A 308 -37.26 -18.60 2.40
C ASP A 308 -38.76 -18.56 2.13
N ARG A 309 -39.17 -18.00 0.99
CA ARG A 309 -40.58 -17.86 0.66
C ARG A 309 -41.13 -19.05 -0.12
N SER A 310 -40.28 -19.76 -0.86
CA SER A 310 -40.72 -20.84 -1.75
C SER A 310 -40.45 -22.24 -1.22
N ASP A 311 -39.26 -22.49 -0.65
CA ASP A 311 -38.93 -23.79 -0.08
C ASP A 311 -37.98 -23.57 1.09
N PRO A 312 -38.49 -23.56 2.32
CA PRO A 312 -37.61 -23.36 3.48
C PRO A 312 -36.45 -24.34 3.55
N LEU A 313 -36.65 -25.57 3.06
CA LEU A 313 -35.57 -26.54 3.09
C LEU A 313 -34.48 -26.21 2.09
N ALA A 314 -34.84 -25.59 0.96
CA ALA A 314 -33.82 -25.10 0.03
C ALA A 314 -33.06 -23.91 0.62
N ALA A 315 -33.74 -23.08 1.42
CA ALA A 315 -33.04 -21.99 2.09
C ALA A 315 -32.08 -22.53 3.13
N LYS A 316 -32.45 -23.61 3.81
CA LYS A 316 -31.54 -24.20 4.79
C LYS A 316 -30.35 -24.87 4.11
N LEU A 317 -30.58 -25.47 2.94
CA LEU A 317 -29.48 -26.03 2.16
C LEU A 317 -28.49 -24.94 1.77
N LEU A 318 -28.99 -23.81 1.30
CA LEU A 318 -28.11 -22.70 0.92
C LEU A 318 -27.37 -22.15 2.12
N ARG A 319 -28.08 -21.95 3.24
CA ARG A 319 -27.46 -21.32 4.41
C ARG A 319 -26.33 -22.17 4.97
N THR A 320 -26.49 -23.49 4.95
CA THR A 320 -25.50 -24.38 5.56
C THR A 320 -24.42 -24.82 4.58
N SER A 321 -24.51 -24.46 3.30
CA SER A 321 -23.55 -24.92 2.31
C SER A 321 -22.62 -23.82 1.81
N ILE A 322 -23.06 -22.57 1.86
CA ILE A 322 -22.29 -21.46 1.31
C ILE A 322 -21.06 -21.24 2.18
N GLY A 323 -19.88 -21.22 1.56
CA GLY A 323 -18.66 -21.03 2.31
C GLY A 323 -18.07 -22.27 2.91
N THR A 324 -18.56 -23.46 2.54
CA THR A 324 -18.01 -24.71 3.00
C THR A 324 -17.28 -25.42 1.86
N ARG A 325 -16.60 -26.50 2.19
CA ARG A 325 -15.91 -27.30 1.18
C ARG A 325 -16.93 -28.19 0.49
N LEU A 326 -17.24 -27.86 -0.76
CA LEU A 326 -18.32 -28.50 -1.50
C LEU A 326 -17.73 -29.42 -2.57
N THR A 327 -18.29 -30.62 -2.67
CA THR A 327 -17.96 -31.50 -3.80
C THR A 327 -18.52 -30.91 -5.09
N ASP A 328 -18.12 -31.51 -6.21
CA ASP A 328 -18.65 -31.07 -7.50
C ASP A 328 -20.16 -31.30 -7.59
N ALA A 329 -20.65 -32.37 -6.94
CA ALA A 329 -22.09 -32.63 -6.95
C ALA A 329 -22.85 -31.63 -6.09
N GLN A 330 -22.29 -31.30 -4.91
CA GLN A 330 -22.92 -30.28 -4.06
C GLN A 330 -23.02 -28.95 -4.80
N VAL A 331 -21.99 -28.60 -5.57
CA VAL A 331 -21.98 -27.33 -6.28
C VAL A 331 -23.05 -27.31 -7.36
N ARG A 332 -23.11 -28.37 -8.17
CA ARG A 332 -24.13 -28.45 -9.21
C ARG A 332 -25.53 -28.38 -8.62
N GLU A 333 -25.72 -29.00 -7.44
CA GLU A 333 -27.02 -28.93 -6.76
C GLU A 333 -27.32 -27.51 -6.31
N LEU A 334 -26.33 -26.82 -5.74
CA LEU A 334 -26.56 -25.45 -5.27
C LEU A 334 -26.87 -24.51 -6.43
N ARG A 335 -26.15 -24.67 -7.55
CA ARG A 335 -26.44 -23.85 -8.73
C ARG A 335 -27.85 -24.08 -9.22
N THR A 336 -28.31 -25.34 -9.20
CA THR A 336 -29.65 -25.64 -9.68
C THR A 336 -30.72 -25.11 -8.71
N VAL A 337 -30.44 -25.15 -7.41
CA VAL A 337 -31.37 -24.58 -6.42
C VAL A 337 -31.47 -23.07 -6.61
N ILE A 338 -30.34 -22.40 -6.84
CA ILE A 338 -30.37 -20.96 -7.13
C ILE A 338 -31.21 -20.69 -8.36
N GLU A 339 -31.13 -21.57 -9.36
CA GLU A 339 -31.99 -21.47 -10.54
C GLU A 339 -33.44 -21.77 -10.19
N ALA A 340 -33.67 -22.79 -9.35
CA ALA A 340 -35.02 -23.27 -9.11
C ALA A 340 -35.87 -22.23 -8.40
N VAL A 341 -35.29 -21.49 -7.44
CA VAL A 341 -36.05 -20.50 -6.68
C VAL A 341 -36.17 -19.18 -7.41
N GLY A 342 -35.64 -19.07 -8.63
CA GLY A 342 -35.80 -17.89 -9.44
C GLY A 342 -34.77 -16.80 -9.22
N ALA A 343 -33.64 -17.11 -8.57
CA ALA A 343 -32.65 -16.08 -8.28
C ALA A 343 -31.97 -15.59 -9.55
N ARG A 344 -31.69 -16.49 -10.49
CA ARG A 344 -31.02 -16.08 -11.72
C ARG A 344 -31.94 -15.20 -12.57
N ALA A 345 -33.22 -15.57 -12.69
CA ALA A 345 -34.16 -14.75 -13.43
C ALA A 345 -34.33 -13.39 -12.75
N ALA A 346 -34.33 -13.36 -11.42
CA ALA A 346 -34.42 -12.09 -10.71
C ALA A 346 -33.19 -11.22 -10.95
N ALA A 347 -32.02 -11.84 -11.04
CA ALA A 347 -30.80 -11.08 -11.33
C ALA A 347 -30.83 -10.50 -12.74
N GLU A 348 -31.34 -11.26 -13.70
CA GLU A 348 -31.35 -10.80 -15.09
C GLU A 348 -32.25 -9.58 -15.26
N SER A 349 -33.38 -9.54 -14.55
CA SER A 349 -34.26 -8.38 -14.63
C SER A 349 -33.70 -7.19 -13.85
N ARG A 350 -33.01 -7.45 -12.74
CA ARG A 350 -32.26 -6.39 -12.06
C ARG A 350 -31.28 -5.73 -13.03
N ILE A 351 -30.49 -6.54 -13.74
CA ILE A 351 -29.51 -6.01 -14.68
C ILE A 351 -30.19 -5.22 -15.78
N ALA A 352 -31.31 -5.73 -16.29
CA ALA A 352 -32.04 -5.03 -17.35
C ALA A 352 -32.60 -3.70 -16.86
N ALA A 353 -33.16 -3.68 -15.65
CA ALA A 353 -33.77 -2.46 -15.14
C ALA A 353 -32.71 -1.41 -14.82
N LEU A 354 -31.62 -1.83 -14.17
CA LEU A 354 -30.57 -0.88 -13.80
C LEU A 354 -29.88 -0.31 -15.04
N THR A 355 -29.61 -1.15 -16.04
CA THR A 355 -28.99 -0.66 -17.26
C THR A 355 -29.91 0.31 -17.99
N GLN A 356 -31.22 0.04 -17.97
CA GLN A 356 -32.15 0.93 -18.65
C GLN A 356 -32.24 2.28 -17.96
N ARG A 357 -32.28 2.29 -16.62
CA ARG A 357 -32.34 3.56 -15.89
C ARG A 357 -31.03 4.32 -16.03
N ALA A 358 -29.90 3.62 -16.00
CA ALA A 358 -28.60 4.27 -16.18
C ALA A 358 -28.53 4.96 -17.55
N LEU A 359 -29.07 4.31 -18.59
CA LEU A 359 -29.11 4.94 -19.90
C LEU A 359 -30.08 6.11 -19.92
N ALA A 360 -31.17 6.04 -19.16
CA ALA A 360 -32.10 7.16 -19.08
C ALA A 360 -31.46 8.34 -18.35
N THR A 361 -30.69 8.07 -17.29
CA THR A 361 -29.95 9.13 -16.62
C THR A 361 -28.93 9.75 -17.55
N LEU A 362 -28.30 8.93 -18.40
CA LEU A 362 -27.32 9.44 -19.35
C LEU A 362 -27.98 10.28 -20.44
N ALA A 363 -29.17 9.88 -20.88
CA ALA A 363 -29.82 10.56 -22.00
C ALA A 363 -30.25 11.97 -21.62
N SER A 364 -30.67 12.17 -20.37
CA SER A 364 -31.15 13.48 -19.91
C SER A 364 -30.09 14.24 -19.13
N ALA A 365 -28.80 13.96 -19.35
CA ALA A 365 -27.77 14.65 -18.60
C ALA A 365 -27.29 15.89 -19.35
N PRO A 366 -27.01 16.99 -18.64
CA PRO A 366 -26.54 18.23 -19.29
C PRO A 366 -25.06 18.14 -19.70
N ILE A 367 -24.77 17.21 -20.61
CA ILE A 367 -23.41 16.97 -21.08
C ILE A 367 -23.42 16.91 -22.60
N ASN A 368 -22.22 16.91 -23.17
CA ASN A 368 -22.07 16.82 -24.62
C ASN A 368 -22.68 15.53 -25.14
N ALA A 369 -23.37 15.63 -26.28
CA ALA A 369 -23.98 14.46 -26.90
C ALA A 369 -22.95 13.44 -27.35
N THR A 370 -21.72 13.86 -27.63
CA THR A 370 -20.66 12.92 -27.99
C THR A 370 -20.28 12.04 -26.81
N ALA A 371 -20.32 12.59 -25.59
CA ALA A 371 -20.05 11.78 -24.41
C ALA A 371 -21.20 10.82 -24.11
N LYS A 372 -22.44 11.23 -24.43
CA LYS A 372 -23.57 10.34 -24.24
C LYS A 372 -23.46 9.11 -25.14
N ALA A 373 -22.92 9.27 -26.33
CA ALA A 373 -22.75 8.13 -27.24
C ALA A 373 -21.64 7.21 -26.75
N GLY A 374 -20.48 7.78 -26.42
CA GLY A 374 -19.36 6.97 -25.97
C GLY A 374 -19.63 6.25 -24.66
N LEU A 375 -20.42 6.86 -23.78
CA LEU A 375 -20.74 6.22 -22.51
C LEU A 375 -21.80 5.14 -22.67
N SER A 376 -22.74 5.32 -23.59
CA SER A 376 -23.64 4.23 -23.95
C SER A 376 -22.89 3.11 -24.66
N GLU A 377 -21.93 3.48 -25.51
CA GLU A 377 -21.03 2.51 -26.12
C GLU A 377 -20.27 1.73 -25.04
N LEU A 378 -19.63 2.46 -24.13
CA LEU A 378 -18.81 1.83 -23.09
C LEU A 378 -19.66 0.99 -22.14
N ALA A 379 -20.87 1.47 -21.82
CA ALA A 379 -21.77 0.70 -20.97
C ALA A 379 -22.23 -0.59 -21.64
N MET A 380 -22.02 -0.72 -22.95
CA MET A 380 -22.35 -1.93 -23.69
C MET A 380 -21.12 -2.76 -24.02
N MET A 381 -20.01 -2.11 -24.41
CA MET A 381 -18.76 -2.82 -24.62
C MET A 381 -18.27 -3.47 -23.34
N ALA A 382 -18.50 -2.82 -22.21
CA ALA A 382 -18.25 -3.42 -20.91
C ALA A 382 -19.44 -4.21 -20.39
N ALA A 383 -20.43 -4.47 -21.26
CA ALA A 383 -21.64 -5.20 -20.89
C ALA A 383 -22.36 -4.55 -19.72
N THR B 35 5.54 20.60 23.69
CA THR B 35 6.72 20.35 22.88
C THR B 35 6.36 20.33 21.39
N MET B 36 7.39 20.24 20.54
CA MET B 36 7.15 20.23 19.10
C MET B 36 6.54 18.91 18.64
N ALA B 37 6.94 17.79 19.27
CA ALA B 37 6.37 16.51 18.90
C ALA B 37 4.89 16.44 19.23
N GLY B 38 4.47 17.07 20.33
CA GLY B 38 3.07 17.06 20.70
C GLY B 38 2.21 17.87 19.75
N ALA B 39 2.72 19.04 19.33
CA ALA B 39 1.98 19.86 18.36
C ALA B 39 1.85 19.14 17.02
N ILE B 40 2.90 18.44 16.61
CA ILE B 40 2.84 17.64 15.38
C ILE B 40 1.83 16.51 15.55
N THR B 41 1.90 15.82 16.69
CA THR B 41 0.97 14.71 16.96
C THR B 41 -0.47 15.20 17.01
N ASP B 42 -0.69 16.38 17.59
CA ASP B 42 -2.06 16.90 17.69
C ASP B 42 -2.63 17.20 16.31
N GLN B 43 -1.80 17.68 15.38
CA GLN B 43 -2.27 17.90 14.01
C GLN B 43 -2.68 16.59 13.35
N LEU B 44 -1.90 15.52 13.58
CA LEU B 44 -2.24 14.23 13.01
C LEU B 44 -3.50 13.65 13.64
N ARG B 45 -3.66 13.81 14.96
CA ARG B 45 -4.87 13.32 15.63
C ARG B 45 -6.11 14.02 15.11
N ARG B 46 -6.02 15.34 14.90
CA ARG B 46 -7.16 16.09 14.37
C ARG B 46 -7.44 15.70 12.92
N TYR B 47 -6.40 15.47 12.13
CA TYR B 47 -6.61 14.99 10.76
C TYR B 47 -7.28 13.63 10.75
N LEU B 48 -6.74 12.69 11.52
CA LEU B 48 -7.29 11.33 11.53
C LEU B 48 -8.72 11.32 12.06
N HIS B 49 -9.02 12.17 13.04
CA HIS B 49 -10.39 12.26 13.53
C HIS B 49 -11.34 12.76 12.45
N GLY B 50 -10.87 13.68 11.61
CA GLY B 50 -11.71 14.16 10.52
C GLY B 50 -11.95 13.11 9.46
N ARG B 51 -10.90 12.37 9.08
CA ARG B 51 -11.08 11.33 8.07
C ARG B 51 -11.98 10.22 8.59
N ARG B 52 -11.85 9.89 9.88
CA ARG B 52 -12.68 8.83 10.46
C ARG B 52 -14.15 9.22 10.45
N ARG B 53 -14.46 10.45 10.86
CA ARG B 53 -15.85 10.90 10.88
C ARG B 53 -16.42 10.94 9.46
N ALA B 54 -15.60 11.36 8.49
CA ALA B 54 -16.08 11.45 7.12
C ALA B 54 -16.28 10.09 6.47
N ALA B 55 -15.74 9.03 7.08
CA ALA B 55 -15.89 7.67 6.57
C ALA B 55 -16.90 6.86 7.36
N ALA B 56 -17.68 7.51 8.24
CA ALA B 56 -18.58 6.78 9.12
C ALA B 56 -19.69 6.08 8.37
N HIS B 57 -20.05 6.58 7.18
CA HIS B 57 -21.13 5.98 6.40
C HIS B 57 -20.78 4.58 5.90
N MET B 58 -19.52 4.14 6.03
CA MET B 58 -19.10 2.83 5.58
C MET B 58 -19.26 1.75 6.64
N GLY B 59 -19.83 2.07 7.79
CA GLY B 59 -20.19 1.06 8.78
C GLY B 59 -19.23 1.02 9.96
N SER B 60 -19.63 0.27 10.97
CA SER B 60 -18.88 0.17 12.21
C SER B 60 -17.68 -0.76 12.11
N ASP B 61 -17.67 -1.70 11.17
CA ASP B 61 -16.52 -2.57 11.01
C ASP B 61 -15.33 -1.81 10.44
N TYR B 62 -15.54 -1.07 9.36
CA TYR B 62 -14.47 -0.23 8.82
C TYR B 62 -14.08 0.88 9.79
N ASP B 63 -15.05 1.38 10.56
CA ASP B 63 -14.74 2.40 11.57
C ASP B 63 -13.84 1.83 12.66
N GLY B 64 -14.01 0.54 12.99
CA GLY B 64 -13.11 -0.09 13.94
C GLY B 64 -11.70 -0.25 13.42
N LEU B 65 -11.56 -0.47 12.11
CA LEU B 65 -10.23 -0.51 11.51
C LEU B 65 -9.56 0.85 11.57
N ILE B 66 -10.30 1.92 11.30
CA ILE B 66 -9.74 3.27 11.38
C ILE B 66 -9.36 3.59 12.82
N ALA B 67 -10.21 3.20 13.77
CA ALA B 67 -9.89 3.42 15.19
C ALA B 67 -8.63 2.68 15.59
N ASP B 68 -8.46 1.46 15.06
CA ASP B 68 -7.21 0.72 15.30
C ASP B 68 -6.02 1.44 14.68
N LEU B 69 -6.22 2.09 13.53
CA LEU B 69 -5.14 2.87 12.93
C LEU B 69 -4.80 4.08 13.80
N GLU B 70 -5.82 4.78 14.31
CA GLU B 70 -5.58 5.88 15.24
C GLU B 70 -4.80 5.39 16.46
N ASP B 71 -5.22 4.26 17.03
CA ASP B 71 -4.56 3.74 18.23
C ASP B 71 -3.11 3.41 17.97
N PHE B 72 -2.81 2.83 16.80
CA PHE B 72 -1.44 2.44 16.50
C PHE B 72 -0.56 3.66 16.20
N VAL B 73 -1.03 4.55 15.34
CA VAL B 73 -0.22 5.72 14.95
C VAL B 73 0.00 6.63 16.15
N LEU B 74 -1.07 6.96 16.87
CA LEU B 74 -0.98 7.87 18.01
C LEU B 74 -0.53 7.18 19.29
N GLY B 75 -0.28 5.87 19.25
CA GLY B 75 0.06 5.09 20.43
C GLY B 75 1.18 5.67 21.27
N GLY B 76 2.06 6.46 20.68
CA GLY B 76 3.16 7.08 21.40
C GLY B 76 4.50 6.74 20.78
N GLY B 77 5.45 7.66 20.92
CA GLY B 77 6.76 7.46 20.33
C GLY B 77 7.54 8.76 20.31
N LYS B 78 8.73 8.67 19.72
CA LYS B 78 9.64 9.80 19.66
C LYS B 78 9.25 10.82 18.60
N ARG B 79 8.45 10.41 17.62
CA ARG B 79 8.16 11.23 16.43
C ARG B 79 9.46 11.69 15.78
N LEU B 80 10.40 10.75 15.64
CA LEU B 80 11.74 11.09 15.18
C LEU B 80 11.74 11.68 13.78
N ARG B 81 10.99 11.05 12.87
CA ARG B 81 11.00 11.46 11.47
C ARG B 81 10.29 12.79 11.25
N PRO B 82 9.13 13.04 11.88
CA PRO B 82 8.57 14.40 11.80
C PRO B 82 9.46 15.45 12.44
N LEU B 83 10.23 15.08 13.46
CA LEU B 83 11.14 16.05 14.10
C LEU B 83 12.32 16.38 13.19
N PHE B 84 12.82 15.39 12.45
CA PHE B 84 13.84 15.68 11.45
C PHE B 84 13.31 16.63 10.39
N ALA B 85 12.04 16.48 10.01
CA ALA B 85 11.44 17.40 9.05
C ALA B 85 11.34 18.80 9.62
N TYR B 86 11.04 18.92 10.91
CA TYR B 86 10.95 20.24 11.53
C TYR B 86 12.29 20.96 11.48
N TRP B 87 13.37 20.26 11.86
CA TRP B 87 14.68 20.90 11.88
C TRP B 87 15.19 21.19 10.48
N GLY B 88 14.76 20.42 9.48
CA GLY B 88 15.06 20.76 8.10
C GLY B 88 14.38 22.06 7.68
N TRP B 89 13.16 22.29 8.17
CA TRP B 89 12.50 23.57 7.95
C TRP B 89 13.19 24.67 8.76
N HIS B 90 13.47 24.40 10.03
N HIS B 90 13.48 24.40 10.03
CA HIS B 90 14.10 25.39 10.90
CA HIS B 90 14.10 25.40 10.89
C HIS B 90 15.47 25.82 10.37
C HIS B 90 15.50 25.77 10.45
N ALA B 91 16.14 24.94 9.62
CA ALA B 91 17.50 25.23 9.19
C ALA B 91 17.56 26.37 8.18
N VAL B 92 16.54 26.52 7.34
CA VAL B 92 16.56 27.48 6.25
C VAL B 92 15.42 28.49 6.32
N ALA B 93 14.51 28.36 7.27
CA ALA B 93 13.39 29.27 7.38
C ALA B 93 13.65 30.33 8.46
N SER B 94 12.88 31.41 8.39
CA SER B 94 12.93 32.47 9.39
C SER B 94 11.88 32.24 10.48
N ARG B 95 10.63 32.06 10.06
CA ARG B 95 9.50 31.95 10.98
C ARG B 95 9.18 30.49 11.27
N GLU B 96 8.32 30.28 12.26
CA GLU B 96 7.83 28.94 12.55
C GLU B 96 6.85 28.49 11.47
N PRO B 97 6.71 27.18 11.26
CA PRO B 97 5.75 26.71 10.27
C PRO B 97 4.32 26.86 10.77
N ASP B 98 3.41 27.05 9.81
CA ASP B 98 1.99 27.09 10.13
C ASP B 98 1.52 25.72 10.59
N PRO B 99 0.38 25.66 11.30
CA PRO B 99 -0.14 24.36 11.75
C PRO B 99 -0.31 23.34 10.64
N ASP B 100 -0.71 23.78 9.44
CA ASP B 100 -0.87 22.85 8.32
C ASP B 100 0.48 22.27 7.89
N VAL B 101 1.57 23.02 8.05
CA VAL B 101 2.88 22.50 7.70
C VAL B 101 3.33 21.48 8.75
N LEU B 102 2.95 21.69 10.01
CA LEU B 102 3.18 20.66 11.01
C LEU B 102 2.44 19.37 10.66
N LEU B 103 1.23 19.50 10.09
CA LEU B 103 0.51 18.33 9.62
C LEU B 103 1.26 17.64 8.49
N LEU B 104 1.91 18.42 7.62
CA LEU B 104 2.76 17.83 6.58
C LEU B 104 3.88 17.01 7.19
N PHE B 105 4.51 17.51 8.25
CA PHE B 105 5.55 16.76 8.93
C PHE B 105 4.99 15.51 9.59
N SER B 106 3.77 15.58 10.10
CA SER B 106 3.14 14.42 10.73
C SER B 106 2.84 13.30 9.73
N ALA B 107 2.77 13.63 8.43
CA ALA B 107 2.52 12.61 7.42
C ALA B 107 3.60 11.53 7.44
N LEU B 108 4.82 11.88 7.85
CA LEU B 108 5.88 10.89 7.97
C LEU B 108 5.55 9.86 9.05
N GLU B 109 4.87 10.28 10.11
CA GLU B 109 4.47 9.34 11.15
C GLU B 109 3.38 8.40 10.65
N LEU B 110 2.40 8.94 9.91
CA LEU B 110 1.38 8.08 9.32
C LEU B 110 1.99 7.14 8.28
N LEU B 111 2.95 7.63 7.50
CA LEU B 111 3.65 6.78 6.54
C LEU B 111 4.42 5.68 7.25
N HIS B 112 4.97 5.98 8.43
CA HIS B 112 5.74 4.97 9.16
C HIS B 112 4.85 3.84 9.64
N ALA B 113 3.59 4.13 9.96
CA ALA B 113 2.67 3.07 10.31
C ALA B 113 2.45 2.11 9.14
N TRP B 114 2.35 2.67 7.92
CA TRP B 114 2.28 1.83 6.73
C TRP B 114 3.51 0.94 6.62
N ALA B 115 4.69 1.50 6.86
CA ALA B 115 5.92 0.72 6.75
C ALA B 115 5.98 -0.36 7.82
N LEU B 116 5.61 -0.04 9.06
CA LEU B 116 5.73 -1.01 10.14
C LEU B 116 4.69 -2.13 10.01
N VAL B 117 3.46 -1.78 9.63
CA VAL B 117 2.41 -2.78 9.51
C VAL B 117 2.76 -3.80 8.44
N HIS B 118 3.24 -3.33 7.29
CA HIS B 118 3.63 -4.28 6.25
C HIS B 118 4.94 -4.97 6.58
N ASP B 119 5.82 -4.31 7.34
CA ASP B 119 7.03 -4.96 7.84
C ASP B 119 6.67 -6.14 8.74
N ASP B 120 5.69 -5.95 9.63
CA ASP B 120 5.29 -7.02 10.53
C ASP B 120 4.74 -8.22 9.76
N LEU B 121 4.11 -7.97 8.61
CA LEU B 121 3.66 -9.08 7.77
C LEU B 121 4.83 -9.76 7.08
N ILE B 122 5.78 -8.97 6.58
CA ILE B 122 6.94 -9.55 5.90
C ILE B 122 7.76 -10.39 6.85
N ASP B 123 7.88 -9.95 8.11
CA ASP B 123 8.64 -10.67 9.11
C ASP B 123 7.86 -11.77 9.81
N ARG B 124 6.55 -11.86 9.58
CA ARG B 124 5.68 -12.73 10.37
C ARG B 124 5.91 -12.51 11.86
N SER B 125 6.02 -11.24 12.26
CA SER B 125 6.19 -10.90 13.66
C SER B 125 4.86 -11.01 14.39
N ALA B 126 4.90 -11.57 15.61
CA ALA B 126 3.71 -11.73 16.41
C ALA B 126 3.46 -10.55 17.35
N THR B 127 4.52 -9.91 17.83
CA THR B 127 4.39 -8.75 18.71
C THR B 127 5.31 -7.64 18.22
N ARG B 128 5.02 -6.43 18.68
CA ARG B 128 5.83 -5.26 18.39
C ARG B 128 5.86 -4.37 19.62
N ARG B 129 7.04 -4.21 20.21
CA ARG B 129 7.21 -3.44 21.44
C ARG B 129 6.30 -3.96 22.54
N GLY B 130 6.15 -5.29 22.60
CA GLY B 130 5.34 -5.93 23.61
C GLY B 130 3.86 -6.02 23.31
N ARG B 131 3.41 -5.50 22.18
CA ARG B 131 1.99 -5.54 21.85
C ARG B 131 1.78 -6.29 20.54
N PRO B 132 0.61 -6.94 20.37
CA PRO B 132 0.43 -7.80 19.21
C PRO B 132 0.43 -7.01 17.90
N THR B 133 0.91 -7.66 16.84
CA THR B 133 0.92 -7.05 15.53
C THR B 133 -0.49 -7.06 14.93
N ALA B 134 -0.63 -6.39 13.79
CA ALA B 134 -1.96 -6.22 13.19
C ALA B 134 -2.59 -7.56 12.83
N GLN B 135 -1.82 -8.46 12.20
CA GLN B 135 -2.40 -9.73 11.79
C GLN B 135 -2.88 -10.54 12.98
N LEU B 136 -2.24 -10.36 14.15
CA LEU B 136 -2.66 -11.06 15.35
C LEU B 136 -3.89 -10.41 15.98
N ARG B 137 -3.98 -9.08 15.94
CA ARG B 137 -5.14 -8.40 16.49
C ARG B 137 -6.41 -8.76 15.71
N TYR B 138 -6.32 -8.81 14.39
CA TYR B 138 -7.49 -9.09 13.58
C TYR B 138 -7.83 -10.58 13.51
N ALA B 139 -6.83 -11.45 13.71
CA ALA B 139 -7.14 -12.87 13.89
C ALA B 139 -7.88 -13.10 15.20
N ALA B 140 -7.54 -12.34 16.25
CA ALA B 140 -8.23 -12.49 17.53
C ALA B 140 -9.65 -11.97 17.43
N LEU B 141 -9.88 -10.89 16.69
CA LEU B 141 -11.23 -10.43 16.42
C LEU B 141 -12.04 -11.51 15.70
N HIS B 142 -11.42 -12.18 14.73
CA HIS B 142 -12.09 -13.24 13.99
C HIS B 142 -12.50 -14.38 14.91
N ARG B 143 -11.64 -14.74 15.86
CA ARG B 143 -11.97 -15.81 16.79
C ARG B 143 -12.98 -15.37 17.84
N ASP B 144 -12.87 -14.12 18.31
CA ASP B 144 -13.82 -13.62 19.30
C ASP B 144 -15.24 -13.65 18.77
N ARG B 145 -15.42 -13.39 17.47
CA ARG B 145 -16.73 -13.37 16.84
C ARG B 145 -17.17 -14.74 16.35
N ASP B 146 -16.36 -15.77 16.56
CA ASP B 146 -16.62 -17.11 16.04
C ASP B 146 -16.89 -17.08 14.55
N TRP B 147 -16.06 -16.31 13.82
CA TRP B 147 -16.28 -16.10 12.41
C TRP B 147 -15.83 -17.32 11.60
N ARG B 148 -16.21 -17.34 10.33
N ARG B 148 -16.20 -17.31 10.33
CA ARG B 148 -15.94 -18.47 9.47
CA ARG B 148 -15.97 -18.40 9.40
C ARG B 148 -14.66 -18.27 8.66
C ARG B 148 -14.61 -18.25 8.71
N GLY B 149 -14.03 -19.39 8.34
CA GLY B 149 -12.77 -19.36 7.61
C GLY B 149 -11.56 -19.36 8.54
N SER B 150 -10.40 -19.16 7.93
CA SER B 150 -9.15 -19.14 8.68
C SER B 150 -9.00 -17.81 9.41
N PRO B 151 -8.87 -17.80 10.73
CA PRO B 151 -8.63 -16.53 11.43
C PRO B 151 -7.32 -15.87 11.05
N ASP B 152 -6.28 -16.68 10.78
CA ASP B 152 -5.00 -16.11 10.41
C ASP B 152 -5.02 -15.51 9.00
N GLN B 153 -5.78 -16.11 8.09
CA GLN B 153 -5.92 -15.53 6.76
C GLN B 153 -6.68 -14.21 6.81
N PHE B 154 -7.70 -14.11 7.66
CA PHE B 154 -8.38 -12.84 7.86
C PHE B 154 -7.44 -11.81 8.47
N GLY B 155 -6.63 -12.22 9.45
CA GLY B 155 -5.71 -11.30 10.08
C GLY B 155 -4.68 -10.74 9.12
N MET B 156 -4.13 -11.59 8.25
CA MET B 156 -3.16 -11.10 7.28
C MET B 156 -3.81 -10.15 6.28
N SER B 157 -5.01 -10.48 5.83
CA SER B 157 -5.70 -9.63 4.85
C SER B 157 -6.05 -8.28 5.45
N ALA B 158 -6.57 -8.27 6.67
CA ALA B 158 -6.90 -7.01 7.33
C ALA B 158 -5.64 -6.18 7.58
N ALA B 159 -4.53 -6.84 7.93
CA ALA B 159 -3.27 -6.13 8.15
C ALA B 159 -2.77 -5.50 6.84
N ILE B 160 -2.96 -6.20 5.72
CA ILE B 160 -2.59 -5.62 4.43
C ILE B 160 -3.39 -4.35 4.17
N LEU B 161 -4.70 -4.42 4.38
CA LEU B 161 -5.56 -3.26 4.15
C LEU B 161 -5.25 -2.13 5.12
N LEU B 162 -4.95 -2.47 6.38
CA LEU B 162 -4.62 -1.46 7.37
C LEU B 162 -3.38 -0.67 6.96
N GLY B 163 -2.32 -1.37 6.55
CA GLY B 163 -1.14 -0.68 6.06
C GLY B 163 -1.41 0.13 4.81
N ASP B 164 -2.22 -0.42 3.89
CA ASP B 164 -2.60 0.31 2.69
C ASP B 164 -3.33 1.60 3.05
N LEU B 165 -4.19 1.56 4.08
CA LEU B 165 -4.92 2.75 4.48
C LEU B 165 -3.99 3.83 5.01
N ALA B 166 -3.00 3.45 5.82
CA ALA B 166 -2.06 4.42 6.35
C ALA B 166 -1.30 5.12 5.23
N GLN B 167 -0.96 4.37 4.18
CA GLN B 167 -0.22 4.96 3.06
C GLN B 167 -1.06 5.99 2.33
N VAL B 168 -2.29 5.63 1.94
CA VAL B 168 -3.11 6.55 1.16
C VAL B 168 -3.48 7.79 1.97
N TRP B 169 -3.67 7.64 3.29
CA TRP B 169 -4.00 8.79 4.11
C TRP B 169 -2.78 9.64 4.40
N ALA B 170 -1.61 9.01 4.56
CA ALA B 170 -0.38 9.77 4.69
C ALA B 170 -0.13 10.61 3.44
N ASP B 171 -0.46 10.06 2.26
CA ASP B 171 -0.29 10.83 1.06
CA ASP B 171 -0.33 10.79 1.02
C ASP B 171 -1.36 11.90 0.92
N ASP B 172 -2.60 11.62 1.33
CA ASP B 172 -3.66 12.61 1.27
C ASP B 172 -3.31 13.84 2.10
N ILE B 173 -2.51 13.66 3.15
CA ILE B 173 -2.00 14.80 3.91
C ILE B 173 -1.12 15.68 3.02
N VAL B 174 -0.16 15.05 2.35
CA VAL B 174 0.78 15.80 1.52
C VAL B 174 0.04 16.52 0.40
N SER B 175 -0.92 15.85 -0.24
CA SER B 175 -1.70 16.49 -1.29
C SER B 175 -2.53 17.65 -0.74
N LYS B 176 -3.11 17.48 0.45
CA LYS B 176 -3.96 18.51 1.03
C LYS B 176 -3.16 19.72 1.48
N VAL B 177 -2.01 19.49 2.14
CA VAL B 177 -1.21 20.59 2.66
C VAL B 177 -0.55 21.35 1.51
N CYS B 178 -0.12 20.65 0.46
CA CYS B 178 0.51 21.32 -0.67
C CYS B 178 -0.45 22.28 -1.35
N GLN B 179 -1.70 21.87 -1.57
CA GLN B 179 -2.66 22.71 -2.27
C GLN B 179 -3.08 23.91 -1.43
N SER B 180 -3.13 23.77 -0.11
CA SER B 180 -3.75 24.76 0.75
C SER B 180 -2.76 25.69 1.45
N ALA B 181 -1.52 25.26 1.65
CA ALA B 181 -0.60 26.01 2.50
C ALA B 181 0.76 26.30 1.89
N LEU B 182 1.04 25.82 0.68
CA LEU B 182 2.36 25.95 0.10
C LEU B 182 2.30 26.67 -1.24
N ALA B 183 3.29 27.54 -1.49
CA ALA B 183 3.46 28.12 -2.80
C ALA B 183 3.81 27.03 -3.81
N PRO B 184 3.48 27.23 -5.09
CA PRO B 184 3.64 26.15 -6.07
C PRO B 184 5.07 25.61 -6.19
N ASP B 185 6.09 26.46 -5.98
CA ASP B 185 7.46 25.96 -6.04
C ASP B 185 7.76 25.04 -4.87
N ALA B 186 7.29 25.39 -3.68
CA ALA B 186 7.46 24.51 -2.53
C ALA B 186 6.66 23.23 -2.69
N GLN B 187 5.48 23.32 -3.33
CA GLN B 187 4.71 22.12 -3.65
C GLN B 187 5.54 21.14 -4.46
N ARG B 188 6.26 21.64 -5.47
CA ARG B 188 7.02 20.77 -6.37
C ARG B 188 8.24 20.20 -5.67
N ARG B 189 8.87 20.97 -4.79
CA ARG B 189 10.01 20.44 -4.04
C ARG B 189 9.57 19.37 -3.05
N VAL B 190 8.39 19.54 -2.44
CA VAL B 190 7.91 18.60 -1.45
C VAL B 190 7.55 17.27 -2.11
N HIS B 191 6.88 17.31 -3.27
CA HIS B 191 6.50 16.09 -3.96
C HIS B 191 7.72 15.27 -4.35
N ARG B 192 8.79 15.93 -4.79
CA ARG B 192 9.99 15.20 -5.20
C ARG B 192 10.57 14.40 -4.04
N VAL B 193 10.57 14.99 -2.84
CA VAL B 193 11.07 14.27 -1.67
C VAL B 193 10.10 13.17 -1.28
N TRP B 194 8.79 13.44 -1.38
CA TRP B 194 7.79 12.45 -1.01
C TRP B 194 7.85 11.24 -1.94
N ALA B 195 8.10 11.47 -3.23
CA ALA B 195 8.24 10.36 -4.17
C ALA B 195 9.51 9.56 -3.89
N ASP B 196 10.59 10.24 -3.49
CA ASP B 196 11.86 9.55 -3.26
C ASP B 196 11.81 8.71 -1.98
N ILE B 197 11.22 9.23 -0.92
CA ILE B 197 11.27 8.54 0.38
C ILE B 197 10.42 7.27 0.34
N ARG B 198 9.31 7.27 -0.40
CA ARG B 198 8.50 6.08 -0.53
C ARG B 198 9.10 5.10 -1.54
N ASN B 199 9.79 5.60 -2.55
CA ASN B 199 10.49 4.73 -3.48
C ASN B 199 11.68 4.05 -2.80
N GLU B 200 12.37 4.77 -1.92
CA GLU B 200 13.59 4.24 -1.30
C GLU B 200 13.28 3.28 -0.17
N VAL B 201 12.19 3.49 0.57
CA VAL B 201 11.85 2.54 1.63
C VAL B 201 11.30 1.25 1.02
N LEU B 202 10.63 1.34 -0.14
CA LEU B 202 10.17 0.13 -0.81
C LEU B 202 11.34 -0.64 -1.41
N GLY B 203 12.30 0.08 -2.00
CA GLY B 203 13.49 -0.59 -2.53
C GLY B 203 14.33 -1.20 -1.43
N GLY B 204 14.47 -0.49 -0.31
CA GLY B 204 15.21 -1.04 0.83
C GLY B 204 14.55 -2.29 1.39
N GLN B 205 13.22 -2.29 1.47
CA GLN B 205 12.50 -3.48 1.94
C GLN B 205 12.73 -4.67 1.01
N TYR B 206 12.60 -4.46 -0.30
CA TYR B 206 12.82 -5.57 -1.23
C TYR B 206 14.27 -6.02 -1.24
N LEU B 207 15.21 -5.06 -1.22
CA LEU B 207 16.62 -5.43 -1.21
C LEU B 207 16.97 -6.23 0.04
N ASP B 208 16.28 -5.95 1.16
CA ASP B 208 16.59 -6.66 2.40
C ASP B 208 16.13 -8.11 2.35
N ILE B 209 14.90 -8.35 1.87
CA ILE B 209 14.41 -9.73 1.81
C ILE B 209 15.15 -10.51 0.74
N VAL B 210 15.61 -9.85 -0.31
CA VAL B 210 16.45 -10.53 -1.31
C VAL B 210 17.80 -10.87 -0.72
N ALA B 211 18.37 -9.96 0.07
CA ALA B 211 19.68 -10.23 0.68
C ALA B 211 19.61 -11.38 1.66
N GLU B 212 18.54 -11.46 2.46
CA GLU B 212 18.39 -12.56 3.39
C GLU B 212 18.11 -13.87 2.67
N ALA B 213 17.30 -13.83 1.61
CA ALA B 213 16.98 -15.06 0.89
C ALA B 213 18.19 -15.58 0.12
N SER B 214 18.97 -14.67 -0.48
CA SER B 214 20.13 -15.05 -1.26
C SER B 214 21.40 -15.18 -0.42
N ALA B 215 21.31 -14.97 0.89
CA ALA B 215 22.46 -15.08 1.79
C ALA B 215 23.60 -14.15 1.35
N ALA B 216 23.26 -12.89 1.08
CA ALA B 216 24.25 -11.90 0.68
C ALA B 216 25.19 -11.60 1.85
N GLU B 217 26.47 -11.95 1.67
CA GLU B 217 27.44 -11.85 2.75
C GLU B 217 28.12 -10.50 2.84
N SER B 218 28.24 -9.78 1.72
CA SER B 218 29.13 -8.64 1.64
C SER B 218 28.70 -7.51 2.56
N ILE B 219 29.69 -6.74 3.03
CA ILE B 219 29.43 -5.52 3.77
C ILE B 219 28.71 -4.50 2.89
N GLU B 220 29.02 -4.49 1.59
CA GLU B 220 28.41 -3.52 0.68
C GLU B 220 26.90 -3.74 0.57
N SER B 221 26.47 -5.01 0.51
CA SER B 221 25.04 -5.29 0.43
C SER B 221 24.31 -4.83 1.68
N ALA B 222 24.90 -5.07 2.85
CA ALA B 222 24.29 -4.61 4.10
C ALA B 222 24.33 -3.10 4.21
N MET B 223 25.41 -2.48 3.72
CA MET B 223 25.49 -1.02 3.73
C MET B 223 24.46 -0.39 2.81
N ASN B 224 24.20 -1.02 1.66
CA ASN B 224 23.21 -0.50 0.73
C ASN B 224 21.81 -0.52 1.35
N VAL B 225 21.46 -1.62 2.02
CA VAL B 225 20.15 -1.73 2.64
C VAL B 225 20.01 -0.73 3.78
N ALA B 226 21.04 -0.62 4.62
CA ALA B 226 21.00 0.32 5.74
C ALA B 226 20.90 1.76 5.25
N THR B 227 21.51 2.07 4.10
CA THR B 227 21.42 3.42 3.56
C THR B 227 20.00 3.75 3.11
N LEU B 228 19.35 2.80 2.42
CA LEU B 228 17.99 3.03 1.96
C LEU B 228 17.01 2.98 3.12
N LYS B 229 17.13 1.96 3.98
CA LYS B 229 16.14 1.73 5.02
C LYS B 229 16.24 2.76 6.14
N THR B 230 17.45 3.18 6.48
CA THR B 230 17.66 3.99 7.67
C THR B 230 18.23 5.37 7.36
N ALA B 231 19.25 5.46 6.53
CA ALA B 231 19.85 6.77 6.22
C ALA B 231 18.86 7.64 5.46
N TYR B 233 15.53 6.93 4.59
CA TYR B 233 14.16 6.93 5.06
C TYR B 233 13.96 7.64 6.40
N THR B 234 14.91 7.49 7.33
CA THR B 234 14.73 8.01 8.68
C THR B 234 15.32 9.40 8.88
N VAL B 235 16.42 9.73 8.19
CA VAL B 235 17.13 10.97 8.47
C VAL B 235 17.14 11.90 7.26
N SER B 236 17.76 11.46 6.16
CA SER B 236 18.03 12.35 5.03
C SER B 236 16.76 12.92 4.44
N ARG B 237 15.86 12.04 3.98
CA ARG B 237 14.64 12.48 3.29
C ARG B 237 13.71 13.26 4.21
N PRO B 238 13.50 12.84 5.47
CA PRO B 238 12.72 13.71 6.38
C PRO B 238 13.30 15.11 6.50
N LEU B 239 14.62 15.22 6.68
CA LEU B 239 15.26 16.53 6.70
C LEU B 239 14.94 17.32 5.44
N GLN B 240 15.11 16.69 4.28
CA GLN B 240 14.88 17.36 3.00
C GLN B 240 13.42 17.73 2.80
N LEU B 241 12.49 17.02 3.44
CA LEU B 241 11.08 17.38 3.34
C LEU B 241 10.82 18.74 3.98
N GLY B 242 11.41 18.98 5.16
CA GLY B 242 11.24 20.27 5.81
C GLY B 242 11.96 21.39 5.08
N THR B 243 13.16 21.11 4.57
CA THR B 243 13.88 22.10 3.79
C THR B 243 13.13 22.44 2.50
N ALA B 244 12.58 21.43 1.84
CA ALA B 244 11.82 21.67 0.61
C ALA B 244 10.58 22.51 0.88
N ALA B 245 9.93 22.29 2.02
CA ALA B 245 8.73 23.07 2.35
C ALA B 245 9.06 24.51 2.69
N ALA B 246 10.31 24.80 3.05
CA ALA B 246 10.71 26.12 3.54
C ALA B 246 11.30 27.01 2.44
N ALA B 247 12.29 26.51 1.70
CA ALA B 247 12.99 27.36 0.75
C ALA B 247 13.63 26.51 -0.34
N ASP B 248 14.08 27.19 -1.39
CA ASP B 248 14.82 26.57 -2.49
C ASP B 248 16.30 26.63 -2.13
N ARG B 249 16.79 25.58 -1.48
CA ARG B 249 18.16 25.51 -0.99
C ARG B 249 18.76 24.15 -1.38
N SER B 250 19.22 24.06 -2.64
CA SER B 250 19.86 22.82 -3.09
C SER B 250 21.13 22.54 -2.31
N ASP B 251 21.79 23.58 -1.80
CA ASP B 251 23.01 23.40 -1.03
C ASP B 251 22.73 22.69 0.28
N VAL B 252 21.64 23.08 0.96
CA VAL B 252 21.33 22.47 2.25
C VAL B 252 20.80 21.06 2.08
N ALA B 253 19.99 20.84 1.04
CA ALA B 253 19.45 19.50 0.80
C ALA B 253 20.56 18.49 0.52
N ALA B 254 21.59 18.92 -0.20
CA ALA B 254 22.72 18.02 -0.45
C ALA B 254 23.55 17.80 0.81
N ILE B 255 23.63 18.80 1.69
CA ILE B 255 24.39 18.64 2.92
C ILE B 255 23.63 17.72 3.89
N PHE B 256 22.31 17.88 3.97
CA PHE B 256 21.51 16.99 4.82
C PHE B 256 21.58 15.54 4.32
N GLU B 257 21.76 15.34 3.02
CA GLU B 257 21.97 14.00 2.50
C GLU B 257 23.29 13.43 2.99
N HIS B 258 24.35 14.25 2.98
CA HIS B 258 25.62 13.82 3.53
C HIS B 258 25.53 13.64 5.04
N PHE B 259 24.79 14.52 5.72
CA PHE B 259 24.61 14.38 7.16
C PHE B 259 23.82 13.12 7.50
N GLY B 260 22.74 12.86 6.77
CA GLY B 260 21.94 11.68 7.04
C GLY B 260 22.62 10.39 6.68
N ALA B 261 23.47 10.41 5.64
CA ALA B 261 24.18 9.19 5.25
C ALA B 261 25.12 8.70 6.35
N ASP B 262 25.68 9.63 7.13
CA ASP B 262 26.55 9.24 8.23
C ASP B 262 25.75 8.91 9.48
N LEU B 263 24.85 9.81 9.89
CA LEU B 263 24.09 9.60 11.12
C LEU B 263 23.11 8.44 10.97
N GLY B 264 22.55 8.25 9.78
CA GLY B 264 21.61 7.17 9.57
C GLY B 264 22.25 5.80 9.69
N VAL B 265 23.45 5.64 9.12
CA VAL B 265 24.16 4.37 9.23
C VAL B 265 24.61 4.15 10.68
N ALA B 266 25.00 5.23 11.36
CA ALA B 266 25.38 5.11 12.77
C ALA B 266 24.21 4.63 13.61
N PHE B 267 22.99 5.12 13.30
CA PHE B 267 21.80 4.62 13.98
C PHE B 267 21.63 3.13 13.75
N GLN B 268 21.79 2.68 12.52
CA GLN B 268 21.58 1.27 12.19
C GLN B 268 22.65 0.39 12.84
N LEU B 269 23.90 0.86 12.85
CA LEU B 269 24.97 0.08 13.47
C LEU B 269 24.75 -0.05 14.97
N ARG B 270 24.28 1.02 15.62
CA ARG B 270 23.90 0.92 17.02
C ARG B 270 22.80 -0.11 17.22
N ASP B 271 21.79 -0.10 16.35
CA ASP B 271 20.70 -1.07 16.46
C ASP B 271 21.21 -2.49 16.21
N ASP B 272 22.16 -2.65 15.30
CA ASP B 272 22.70 -3.98 15.02
C ASP B 272 23.49 -4.52 16.21
N VAL B 273 24.30 -3.66 16.85
CA VAL B 273 25.02 -4.07 18.04
C VAL B 273 24.04 -4.45 19.14
N LEU B 274 23.01 -3.62 19.35
CA LEU B 274 22.00 -3.93 20.36
C LEU B 274 21.23 -5.19 20.02
N GLY B 275 20.98 -5.44 18.73
CA GLY B 275 20.27 -6.64 18.32
C GLY B 275 21.02 -7.93 18.53
N VAL B 276 22.32 -7.85 18.85
CA VAL B 276 23.14 -9.03 19.12
C VAL B 276 23.64 -9.05 20.55
N PHE B 277 24.05 -7.88 21.09
CA PHE B 277 24.70 -7.81 22.39
C PHE B 277 23.89 -7.05 23.43
N GLY B 278 22.73 -6.50 23.07
CA GLY B 278 22.02 -5.63 23.98
C GLY B 278 21.32 -6.37 25.10
N ASP B 279 21.14 -5.67 26.22
CA ASP B 279 20.36 -6.19 27.33
C ASP B 279 18.89 -6.23 26.93
N PRO B 280 18.22 -7.38 26.98
CA PRO B 280 16.78 -7.41 26.66
C PRO B 280 15.96 -6.44 27.50
N ALA B 281 16.40 -6.13 28.72
CA ALA B 281 15.69 -5.13 29.52
C ALA B 281 15.84 -3.74 28.92
N VAL B 282 16.96 -3.49 28.25
CA VAL B 282 17.22 -2.18 27.64
C VAL B 282 16.67 -2.11 26.21
N THR B 283 16.89 -3.17 25.42
CA THR B 283 16.46 -3.15 24.03
C THR B 283 14.98 -3.51 23.87
N GLY B 284 14.45 -4.33 24.78
CA GLY B 284 13.11 -4.85 24.63
C GLY B 284 13.01 -6.07 23.73
N LYS B 285 14.10 -6.46 23.08
CA LYS B 285 14.14 -7.62 22.21
C LYS B 285 14.94 -8.73 22.87
N PRO B 286 14.73 -9.98 22.48
CA PRO B 286 15.48 -11.08 23.08
C PRO B 286 16.98 -10.91 22.86
N SER B 287 17.74 -11.72 23.60
CA SER B 287 19.20 -11.67 23.52
C SER B 287 19.67 -12.34 22.23
N GLY B 288 20.47 -11.61 21.45
CA GLY B 288 20.93 -12.14 20.18
C GLY B 288 19.83 -12.25 19.14
N ASP B 289 18.88 -11.32 19.16
CA ASP B 289 17.69 -11.44 18.32
C ASP B 289 18.05 -11.39 16.84
N ASP B 290 18.99 -10.52 16.45
CA ASP B 290 19.38 -10.43 15.05
C ASP B 290 19.87 -11.77 14.51
N LEU B 291 20.69 -12.48 15.29
CA LEU B 291 21.14 -13.80 14.87
C LEU B 291 19.98 -14.79 14.85
N LYS B 292 19.13 -14.74 15.87
CA LYS B 292 17.96 -15.61 15.91
C LYS B 292 17.06 -15.36 14.70
N SER B 293 16.85 -14.09 14.34
CA SER B 293 16.01 -13.75 13.20
C SER B 293 16.72 -13.85 11.86
N GLY B 294 18.04 -13.98 11.84
CA GLY B 294 18.76 -14.18 10.60
C GLY B 294 18.96 -12.94 9.74
N LYS B 295 19.18 -11.78 10.37
CA LYS B 295 19.34 -10.55 9.63
C LYS B 295 20.74 -10.46 9.01
N ARG B 296 20.83 -9.75 7.89
CA ARG B 296 22.09 -9.54 7.18
C ARG B 296 22.57 -8.12 7.49
N THR B 297 23.16 -7.96 8.66
CA THR B 297 23.62 -6.67 9.13
C THR B 297 25.08 -6.43 8.74
N VAL B 298 25.50 -5.16 8.87
CA VAL B 298 26.91 -4.83 8.66
C VAL B 298 27.77 -5.51 9.71
N LEU B 299 27.29 -5.55 10.95
CA LEU B 299 28.01 -6.26 12.02
C LEU B 299 28.30 -7.69 11.63
N VAL B 300 27.28 -8.42 11.18
CA VAL B 300 27.46 -9.82 10.79
C VAL B 300 28.38 -9.93 9.58
N ALA B 301 28.19 -9.04 8.60
CA ALA B 301 29.03 -9.06 7.40
C ALA B 301 30.48 -8.76 7.76
N GLU B 302 30.71 -7.79 8.65
CA GLU B 302 32.07 -7.47 9.06
C GLU B 302 32.69 -8.61 9.88
N ALA B 303 31.87 -9.34 10.63
CA ALA B 303 32.40 -10.47 11.40
C ALA B 303 32.90 -11.59 10.50
N VAL B 304 32.16 -11.86 9.42
CA VAL B 304 32.59 -12.88 8.47
C VAL B 304 33.89 -12.46 7.78
N GLU B 305 33.99 -11.18 7.42
CA GLU B 305 35.20 -10.68 6.78
C GLU B 305 36.39 -10.71 7.73
N LEU B 306 36.18 -10.31 8.99
CA LEU B 306 37.25 -10.36 9.98
C LEU B 306 37.64 -11.79 10.30
N ALA B 307 36.65 -12.69 10.41
CA ALA B 307 36.96 -14.08 10.69
C ALA B 307 37.72 -14.74 9.54
N ASP B 308 37.42 -14.35 8.30
CA ASP B 308 38.19 -14.85 7.16
C ASP B 308 39.68 -14.63 7.34
N ARG B 309 40.06 -13.52 8.00
CA ARG B 309 41.47 -13.20 8.21
C ARG B 309 42.04 -13.92 9.42
N SER B 310 41.30 -13.94 10.54
CA SER B 310 41.84 -14.39 11.82
C SER B 310 41.42 -15.80 12.20
N ASP B 311 40.16 -16.19 11.99
CA ASP B 311 39.67 -17.51 12.34
C ASP B 311 38.84 -18.07 11.19
N PRO B 312 39.48 -18.61 10.16
CA PRO B 312 38.73 -19.07 8.98
C PRO B 312 37.64 -20.09 9.28
N LEU B 313 37.86 -20.99 10.25
CA LEU B 313 36.82 -21.95 10.59
C LEU B 313 35.66 -21.29 11.30
N ALA B 314 35.92 -20.20 12.04
CA ALA B 314 34.82 -19.43 12.62
C ALA B 314 34.04 -18.70 11.53
N ALA B 315 34.70 -18.31 10.44
CA ALA B 315 33.98 -17.72 9.31
C ALA B 315 33.04 -18.73 8.67
N LYS B 316 33.47 -19.99 8.57
CA LYS B 316 32.60 -21.03 8.05
C LYS B 316 31.44 -21.29 9.01
N LEU B 317 31.70 -21.24 10.31
CA LEU B 317 30.61 -21.39 11.29
C LEU B 317 29.58 -20.28 11.13
N LEU B 318 30.04 -19.04 10.94
CA LEU B 318 29.13 -17.94 10.71
C LEU B 318 28.34 -18.14 9.42
N ARG B 319 29.07 -18.40 8.32
CA ARG B 319 28.42 -18.50 7.00
C ARG B 319 27.32 -19.56 6.99
N THR B 320 27.54 -20.68 7.66
CA THR B 320 26.61 -21.80 7.63
C THR B 320 25.56 -21.77 8.73
N SER B 321 25.61 -20.77 9.62
CA SER B 321 24.66 -20.68 10.72
C SER B 321 23.70 -19.51 10.60
N ILE B 322 24.09 -18.43 9.93
CA ILE B 322 23.24 -17.26 9.81
C ILE B 322 22.03 -17.60 8.94
N GLY B 323 20.84 -17.34 9.47
CA GLY B 323 19.62 -17.62 8.75
C GLY B 323 19.06 -19.01 8.96
N THR B 324 19.61 -19.79 9.89
CA THR B 324 19.12 -21.13 10.21
C THR B 324 18.47 -21.12 11.59
N ARG B 325 17.86 -22.25 11.94
CA ARG B 325 17.23 -22.40 13.25
C ARG B 325 18.30 -22.66 14.29
N LEU B 326 18.50 -21.70 15.19
CA LEU B 326 19.60 -21.73 16.13
C LEU B 326 19.09 -21.97 17.54
N THR B 327 19.70 -22.91 18.25
CA THR B 327 19.42 -23.10 19.66
C THR B 327 19.99 -21.91 20.45
N ASP B 328 19.65 -21.87 21.75
CA ASP B 328 20.19 -20.81 22.59
C ASP B 328 21.71 -20.93 22.73
N ALA B 329 22.24 -22.14 22.68
CA ALA B 329 23.68 -22.34 22.75
C ALA B 329 24.36 -21.91 21.46
N GLN B 330 23.75 -22.23 20.31
CA GLN B 330 24.30 -21.79 19.04
C GLN B 330 24.36 -20.27 18.96
N VAL B 331 23.34 -19.60 19.51
CA VAL B 331 23.29 -18.14 19.46
C VAL B 331 24.40 -17.55 20.33
N ARG B 332 24.54 -18.04 21.56
CA ARG B 332 25.60 -17.58 22.44
C ARG B 332 26.97 -17.83 21.83
N GLU B 333 27.11 -18.94 21.11
CA GLU B 333 28.38 -19.25 20.46
C GLU B 333 28.69 -18.25 19.35
N LEU B 334 27.69 -17.90 18.56
CA LEU B 334 27.90 -16.94 17.47
C LEU B 334 28.18 -15.55 18.00
N ARG B 335 27.51 -15.15 19.09
CA ARG B 335 27.78 -13.85 19.69
C ARG B 335 29.21 -13.75 20.20
N THR B 336 29.73 -14.84 20.77
CA THR B 336 31.09 -14.85 21.27
C THR B 336 32.10 -14.78 20.12
N VAL B 337 31.83 -15.51 19.03
CA VAL B 337 32.70 -15.46 17.85
C VAL B 337 32.72 -14.05 17.26
N ILE B 338 31.55 -13.42 17.15
CA ILE B 338 31.48 -12.08 16.60
C ILE B 338 32.30 -11.10 17.45
N GLU B 339 32.26 -11.28 18.77
CA GLU B 339 33.06 -10.43 19.65
C GLU B 339 34.55 -10.79 19.54
N ALA B 340 34.86 -12.07 19.40
CA ALA B 340 36.25 -12.52 19.42
C ALA B 340 37.03 -11.99 18.23
N VAL B 341 36.42 -11.98 17.04
CA VAL B 341 37.12 -11.53 15.84
C VAL B 341 37.14 -10.01 15.72
N GLY B 342 36.61 -9.30 16.71
CA GLY B 342 36.67 -7.85 16.75
C GLY B 342 35.57 -7.12 16.02
N ALA B 343 34.50 -7.82 15.63
CA ALA B 343 33.43 -7.14 14.88
C ALA B 343 32.70 -6.13 15.76
N ARG B 344 32.52 -6.43 17.04
CA ARG B 344 31.84 -5.49 17.92
C ARG B 344 32.65 -4.21 18.12
N ALA B 345 33.97 -4.36 18.31
CA ALA B 345 34.82 -3.18 18.45
C ALA B 345 34.89 -2.38 17.16
N ALA B 346 34.88 -3.07 16.01
CA ALA B 346 34.88 -2.37 14.73
C ALA B 346 33.58 -1.59 14.54
N ALA B 347 32.46 -2.14 15.01
CA ALA B 347 31.19 -1.44 14.89
C ALA B 347 31.17 -0.20 15.79
N GLU B 348 31.79 -0.27 16.96
CA GLU B 348 31.79 0.86 17.88
C GLU B 348 32.58 2.03 17.32
N SER B 349 33.71 1.75 16.67
CA SER B 349 34.50 2.82 16.07
C SER B 349 33.84 3.38 14.82
N ARG B 350 33.14 2.53 14.05
CA ARG B 350 32.32 3.03 12.95
C ARG B 350 31.28 4.03 13.45
N ILE B 351 30.56 3.65 14.52
CA ILE B 351 29.55 4.54 15.08
C ILE B 351 30.19 5.84 15.57
N ALA B 352 31.37 5.74 16.16
CA ALA B 352 32.04 6.93 16.66
C ALA B 352 32.50 7.83 15.51
N ALA B 353 33.06 7.23 14.45
CA ALA B 353 33.56 8.03 13.34
C ALA B 353 32.41 8.68 12.57
N LEU B 354 31.35 7.92 12.30
CA LEU B 354 30.23 8.46 11.54
C LEU B 354 29.52 9.56 12.30
N THR B 355 29.29 9.37 13.61
CA THR B 355 28.64 10.40 14.41
C THR B 355 29.50 11.65 14.49
N GLN B 356 30.83 11.48 14.58
CA GLN B 356 31.71 12.63 14.67
C GLN B 356 31.73 13.42 13.35
N ARG B 357 31.78 12.72 12.22
CA ARG B 357 31.76 13.41 10.93
C ARG B 357 30.40 14.04 10.67
N ALA B 358 29.32 13.39 11.10
CA ALA B 358 27.99 13.96 10.94
C ALA B 358 27.87 15.28 11.71
N LEU B 359 28.45 15.34 12.90
CA LEU B 359 28.43 16.59 13.66
C LEU B 359 29.33 17.63 13.04
N ALA B 360 30.42 17.22 12.38
CA ALA B 360 31.27 18.17 11.69
C ALA B 360 30.58 18.73 10.45
N THR B 361 29.84 17.88 9.72
CA THR B 361 29.02 18.36 8.60
C THR B 361 27.96 19.33 9.10
N LEU B 362 27.39 19.05 10.28
CA LEU B 362 26.37 19.93 10.84
C LEU B 362 26.97 21.27 11.27
N ALA B 363 28.17 21.26 11.84
CA ALA B 363 28.76 22.48 12.38
C ALA B 363 29.08 23.48 11.29
N SER B 364 29.52 23.01 10.12
CA SER B 364 29.92 23.88 9.02
C SER B 364 28.82 24.04 7.97
N ALA B 365 27.56 23.86 8.35
CA ALA B 365 26.51 23.98 7.34
C ALA B 365 25.97 25.41 7.32
N PRO B 366 25.62 25.93 6.14
CA PRO B 366 25.04 27.28 6.03
C PRO B 366 23.58 27.32 6.45
N ILE B 367 23.33 26.99 7.72
CA ILE B 367 21.99 26.94 8.28
C ILE B 367 21.98 27.69 9.60
N ASN B 368 20.76 27.93 10.12
CA ASN B 368 20.61 28.62 11.38
C ASN B 368 21.26 27.82 12.52
N ALA B 369 21.93 28.55 13.42
CA ALA B 369 22.63 27.91 14.52
C ALA B 369 21.67 27.20 15.47
N THR B 370 20.42 27.65 15.55
CA THR B 370 19.44 26.98 16.41
C THR B 370 19.13 25.59 15.88
N ALA B 371 19.10 25.43 14.56
CA ALA B 371 18.92 24.10 13.97
C ALA B 371 20.14 23.22 14.20
N LYS B 372 21.33 23.81 14.23
CA LYS B 372 22.54 23.04 14.52
C LYS B 372 22.50 22.47 15.93
N ALA B 373 21.93 23.23 16.88
CA ALA B 373 21.83 22.75 18.24
C ALA B 373 20.80 21.64 18.36
N GLY B 374 19.60 21.86 17.82
CA GLY B 374 18.55 20.85 17.91
C GLY B 374 18.90 19.57 17.20
N LEU B 375 19.63 19.65 16.09
CA LEU B 375 20.01 18.44 15.37
C LEU B 375 21.12 17.68 16.09
N SER B 376 22.03 18.40 16.76
CA SER B 376 23.01 17.73 17.61
C SER B 376 22.33 17.12 18.83
N GLU B 377 21.29 17.78 19.35
CA GLU B 377 20.54 17.20 20.47
C GLU B 377 19.71 16.02 19.98
N LEU B 378 19.04 16.16 18.84
CA LEU B 378 18.25 15.06 18.29
C LEU B 378 19.13 13.87 17.94
N ALA B 379 20.32 14.13 17.42
CA ALA B 379 21.25 13.05 17.10
C ALA B 379 21.79 12.38 18.37
N MET B 380 21.62 13.00 19.53
CA MET B 380 22.05 12.42 20.79
C MET B 380 20.91 11.67 21.48
N MET B 381 19.70 12.24 21.47
CA MET B 381 18.58 11.59 22.11
C MET B 381 18.25 10.25 21.45
N ALA B 382 18.60 10.09 20.17
CA ALA B 382 18.38 8.82 19.48
C ALA B 382 19.57 7.89 19.57
N ALA B 383 20.80 8.41 19.52
CA ALA B 383 21.99 7.56 19.59
C ALA B 383 22.26 7.13 21.03
#